data_8U1G
#
_entry.id   8U1G
#
_cell.length_a   78.990
_cell.length_b   78.990
_cell.length_c   479.530
_cell.angle_alpha   90.000
_cell.angle_beta   90.000
_cell.angle_gamma   120.000
#
_symmetry.space_group_name_H-M   'H 3'
#
loop_
_entity.id
_entity.type
_entity.pdbx_description
1 polymer 'Spike protein S2'
2 non-polymer 2-acetamido-2-deoxy-beta-D-glucopyranose
#
_entity_poly.entity_id   1
_entity_poly.type   'polypeptide(L)'
_entity_poly.pdbx_seq_one_letter_code
;MRPTWAWWLFLVLLLALWAPARGASQMSLGAENCVAYSNNSIAIPTNFTISVTTEILPVSMTKTSVDCTMYICGDSTECS
NLLLQYGSFCTQLNRALTGIAVEQDKNTQEVFAQVKQIYCTPPIKDFGGFNFSQILPDPSKPSKRSPIEDLLFNKVTLAD
AGFIKQYGDCLGDIAARDLICAQKFNGLTVLPPLLTDEMIAQYTSALLAGTITSGWTFGAGPALQIPFPMQMAYRFNGIG
VTQNVLYENQKLIANQFNSAIGKIQDSLSSTPSALGKLQDVVNQNAEALNTLVKQLSSNFGAISSVLNDILSRLDPPEAE
VQIDRLITGRLQSLQTYVTQQLIRAAEIRASANLAATKMSECVLGQSKRVDFCGKGYHLMSFPQSAPHGVVFLHVTYVPA
QEKNFTTAPAICHDGKAHFPREGVFVSNGTHWFVTQRNFYEPQIITTDNTFVSGNCDVVIGIVNNTVYDPLGSGYIPEAP
RDGQAYVRKDGEWVLLSTFLGRSLEVLFQGPGHHHHHHHHSAWSHPQFEK
;
_entity_poly.pdbx_strand_id   A,B
#
loop_
_chem_comp.id
_chem_comp.type
_chem_comp.name
_chem_comp.formula
NAG D-saccharide, beta linking 2-acetamido-2-deoxy-beta-D-glucopyranose 'C8 H15 N O6'
#
# COMPACT_ATOMS: atom_id res chain seq x y z
N CYS A 34 -26.49 -25.88 47.40
CA CYS A 34 -26.93 -24.70 48.12
C CYS A 34 -26.63 -24.79 49.61
N VAL A 35 -26.28 -23.64 50.20
CA VAL A 35 -26.15 -23.50 51.65
C VAL A 35 -27.14 -22.45 52.10
N ALA A 36 -28.09 -22.85 52.94
CA ALA A 36 -29.29 -22.07 53.18
C ALA A 36 -29.22 -21.39 54.55
N TYR A 37 -30.35 -20.88 55.02
CA TYR A 37 -30.46 -20.04 56.21
C TYR A 37 -30.29 -20.84 57.50
N SER A 38 -30.08 -20.09 58.59
CA SER A 38 -30.12 -20.62 59.95
C SER A 38 -29.99 -19.50 60.96
N ASN A 39 -31.01 -19.33 61.80
CA ASN A 39 -30.90 -18.41 62.93
C ASN A 39 -30.22 -19.05 64.13
N ASN A 40 -29.96 -20.35 64.09
CA ASN A 40 -29.47 -21.09 65.25
C ASN A 40 -28.02 -21.57 65.12
N SER A 41 -27.46 -21.61 63.92
CA SER A 41 -26.19 -22.30 63.70
C SER A 41 -25.19 -21.39 62.99
N ILE A 42 -23.93 -21.81 63.04
CA ILE A 42 -22.82 -21.12 62.41
C ILE A 42 -21.92 -22.19 61.76
N ALA A 43 -21.30 -21.82 60.64
CA ALA A 43 -20.41 -22.72 59.91
C ALA A 43 -18.96 -22.36 60.21
N ILE A 44 -18.19 -23.34 60.67
CA ILE A 44 -16.78 -23.16 61.00
C ILE A 44 -15.98 -24.26 60.34
N PRO A 45 -14.83 -23.96 59.73
CA PRO A 45 -13.99 -25.02 59.18
C PRO A 45 -13.07 -25.62 60.22
N THR A 46 -12.88 -26.94 60.13
CA THR A 46 -12.02 -27.67 61.04
C THR A 46 -10.74 -28.17 60.36
N ASN A 47 -10.60 -27.97 59.06
CA ASN A 47 -9.39 -28.35 58.35
C ASN A 47 -9.06 -27.26 57.35
N PHE A 48 -7.87 -27.35 56.76
CA PHE A 48 -7.45 -26.42 55.72
C PHE A 48 -6.38 -27.09 54.88
N THR A 49 -6.09 -26.48 53.74
CA THR A 49 -4.98 -26.92 52.90
C THR A 49 -4.31 -25.70 52.28
N ILE A 50 -2.98 -25.77 52.15
CA ILE A 50 -2.17 -24.69 51.59
C ILE A 50 -1.76 -25.10 50.19
N SER A 51 -2.05 -24.23 49.21
CA SER A 51 -1.79 -24.51 47.81
C SER A 51 -0.86 -23.47 47.21
N VAL A 52 0.01 -23.91 46.31
CA VAL A 52 0.87 -23.04 45.53
C VAL A 52 0.43 -23.12 44.08
N THR A 53 0.20 -21.97 43.46
CA THR A 53 -0.30 -21.91 42.09
C THR A 53 0.47 -20.86 41.31
N THR A 54 0.54 -21.04 40.00
CA THR A 54 1.30 -20.18 39.12
C THR A 54 0.38 -19.21 38.37
N GLU A 55 0.84 -17.97 38.22
CA GLU A 55 0.25 -17.01 37.32
C GLU A 55 1.35 -16.45 36.42
N ILE A 56 1.12 -16.47 35.11
CA ILE A 56 2.12 -16.12 34.12
C ILE A 56 1.72 -14.79 33.48
N LEU A 57 2.65 -13.83 33.47
CA LEU A 57 2.35 -12.50 32.95
C LEU A 57 3.51 -11.94 32.14
N PRO A 58 3.32 -11.71 30.83
CA PRO A 58 4.36 -11.04 30.05
C PRO A 58 4.39 -9.54 30.33
N VAL A 59 5.60 -8.98 30.32
CA VAL A 59 5.76 -7.57 30.71
C VAL A 59 6.55 -6.79 29.67
N SER A 60 7.19 -7.48 28.73
CA SER A 60 8.13 -6.83 27.82
C SER A 60 7.90 -7.30 26.39
N MET A 61 8.54 -6.61 25.45
CA MET A 61 8.39 -6.89 24.03
C MET A 61 9.71 -6.59 23.34
N THR A 62 9.92 -7.23 22.19
CA THR A 62 11.16 -7.09 21.45
C THR A 62 11.31 -5.66 20.94
N LYS A 63 12.39 -4.99 21.39
CA LYS A 63 12.66 -3.60 21.06
C LYS A 63 13.22 -3.51 19.65
N THR A 64 12.39 -3.10 18.70
CA THR A 64 12.77 -3.00 17.30
C THR A 64 13.09 -1.55 16.96
N SER A 65 14.12 -1.36 16.11
CA SER A 65 14.48 -0.04 15.62
C SER A 65 14.93 -0.15 14.17
N VAL A 66 14.74 0.93 13.42
CA VAL A 66 15.10 0.98 12.01
C VAL A 66 16.06 2.14 11.78
N ASP A 67 17.12 1.87 11.01
CA ASP A 67 18.03 2.92 10.54
C ASP A 67 17.55 3.34 9.16
N CYS A 68 16.88 4.50 9.09
CA CYS A 68 16.17 4.92 7.89
C CYS A 68 17.11 5.22 6.73
N THR A 69 18.41 5.38 6.96
CA THR A 69 19.34 5.58 5.86
C THR A 69 19.39 4.36 4.94
N MET A 70 19.08 3.17 5.47
CA MET A 70 18.97 1.97 4.66
C MET A 70 17.58 1.79 4.08
N TYR A 71 16.62 2.59 4.49
CA TYR A 71 15.24 2.44 4.04
C TYR A 71 14.90 3.38 2.91
N LEU A 83 22.10 18.69 9.52
CA LEU A 83 22.82 17.62 10.21
C LEU A 83 21.87 16.47 10.57
N LEU A 84 21.18 15.97 9.55
CA LEU A 84 20.21 14.89 9.70
C LEU A 84 19.17 15.24 10.77
N GLN A 85 18.49 16.37 10.55
CA GLN A 85 17.40 16.74 11.45
C GLN A 85 16.22 15.78 11.29
N TYR A 86 15.85 15.49 10.05
CA TYR A 86 14.71 14.62 9.82
C TYR A 86 14.65 14.21 8.36
N GLY A 87 14.38 12.93 8.13
CA GLY A 87 13.73 12.52 6.91
C GLY A 87 12.22 12.66 7.04
N SER A 88 11.53 12.71 5.91
CA SER A 88 10.11 13.01 5.97
C SER A 88 9.24 11.77 6.21
N PHE A 89 9.62 10.62 5.65
CA PHE A 89 8.72 9.47 5.59
C PHE A 89 9.07 8.39 6.61
N CYS A 90 10.29 7.84 6.53
CA CYS A 90 10.66 6.76 7.43
C CYS A 90 10.83 7.22 8.86
N THR A 91 11.12 8.51 9.08
CA THR A 91 11.32 9.02 10.43
C THR A 91 10.03 8.92 11.26
N GLN A 92 8.87 9.18 10.63
CA GLN A 92 7.63 9.22 11.39
C GLN A 92 7.26 7.85 11.96
N LEU A 93 7.59 6.77 11.25
CA LEU A 93 7.34 5.43 11.79
C LEU A 93 8.44 4.99 12.74
N ASN A 94 9.66 5.48 12.56
CA ASN A 94 10.75 5.03 13.42
C ASN A 94 10.73 5.75 14.77
N ARG A 95 10.22 6.98 14.81
CA ARG A 95 10.03 7.65 16.09
C ARG A 95 9.02 6.92 16.96
N ALA A 96 8.02 6.29 16.33
CA ALA A 96 7.05 5.49 17.08
C ALA A 96 7.68 4.19 17.56
N LEU A 97 8.51 3.56 16.72
CA LEU A 97 9.23 2.37 17.15
C LEU A 97 10.14 2.70 18.33
N THR A 98 10.79 3.87 18.29
CA THR A 98 11.59 4.31 19.44
C THR A 98 10.71 4.53 20.66
N GLY A 99 9.51 5.08 20.46
CA GLY A 99 8.63 5.35 21.59
C GLY A 99 8.20 4.09 22.32
N ILE A 100 7.89 3.03 21.58
CA ILE A 100 7.49 1.78 22.22
C ILE A 100 8.71 1.03 22.75
N ALA A 101 9.89 1.24 22.14
CA ALA A 101 11.09 0.61 22.65
C ALA A 101 11.46 1.15 24.02
N VAL A 102 11.30 2.46 24.23
CA VAL A 102 11.51 3.03 25.55
C VAL A 102 10.43 2.54 26.52
N GLU A 103 9.22 2.28 26.01
CA GLU A 103 8.15 1.78 26.87
C GLU A 103 8.45 0.39 27.40
N GLN A 104 9.21 -0.42 26.65
CA GLN A 104 9.55 -1.74 27.15
C GLN A 104 10.49 -1.66 28.35
N ASP A 105 11.45 -0.73 28.31
CA ASP A 105 12.30 -0.51 29.48
C ASP A 105 11.48 0.05 30.64
N LYS A 106 10.50 0.90 30.33
CA LYS A 106 9.64 1.45 31.39
C LYS A 106 8.81 0.35 32.03
N ASN A 107 8.26 -0.55 31.23
CA ASN A 107 7.46 -1.66 31.77
C ASN A 107 8.32 -2.60 32.61
N THR A 108 9.49 -2.99 32.10
CA THR A 108 10.35 -3.90 32.83
C THR A 108 10.80 -3.28 34.16
N GLN A 109 11.06 -1.98 34.17
CA GLN A 109 11.42 -1.31 35.41
C GLN A 109 10.24 -1.27 36.38
N GLU A 110 9.04 -0.97 35.87
CA GLU A 110 7.86 -0.86 36.72
C GLU A 110 7.47 -2.19 37.35
N VAL A 111 7.88 -3.32 36.77
CA VAL A 111 7.49 -4.61 37.34
C VAL A 111 8.61 -5.18 38.22
N PHE A 112 9.88 -5.02 37.83
CA PHE A 112 10.98 -5.63 38.56
C PHE A 112 11.73 -4.65 39.46
N ALA A 113 11.92 -3.42 39.01
CA ALA A 113 12.69 -2.43 39.79
C ALA A 113 11.81 -1.69 40.79
N GLN A 114 11.01 -2.43 41.55
CA GLN A 114 10.15 -1.84 42.55
C GLN A 114 10.80 -1.70 43.91
N VAL A 115 11.93 -2.36 44.16
CA VAL A 115 12.66 -2.27 45.41
C VAL A 115 14.14 -2.49 45.11
N LYS A 116 15.00 -2.02 46.02
CA LYS A 116 16.44 -2.03 45.76
C LYS A 116 17.27 -2.56 46.92
N GLN A 117 16.77 -2.45 48.15
CA GLN A 117 17.58 -2.77 49.32
C GLN A 117 17.87 -4.26 49.38
N ILE A 118 19.14 -4.60 49.58
CA ILE A 118 19.60 -5.97 49.48
C ILE A 118 19.44 -6.68 50.81
N TYR A 119 18.64 -7.74 50.81
CA TYR A 119 18.76 -8.79 51.82
C TYR A 119 19.76 -9.80 51.26
N CYS A 120 20.84 -10.05 52.00
CA CYS A 120 21.90 -10.88 51.47
C CYS A 120 21.42 -12.31 51.28
N THR A 121 22.24 -13.09 50.57
CA THR A 121 21.84 -14.41 50.12
C THR A 121 21.35 -15.26 51.30
N PRO A 122 20.31 -16.08 51.11
CA PRO A 122 19.61 -16.69 52.25
C PRO A 122 20.53 -17.59 53.07
N PRO A 123 21.24 -18.57 52.47
CA PRO A 123 21.12 -19.28 51.19
C PRO A 123 20.81 -20.76 51.44
N ILE A 124 20.28 -21.10 52.62
CA ILE A 124 20.33 -22.48 53.09
C ILE A 124 19.23 -23.36 52.51
N LYS A 125 18.09 -22.77 52.14
CA LYS A 125 17.00 -23.49 51.45
C LYS A 125 16.38 -24.57 52.35
N ASP A 126 16.12 -24.22 53.61
CA ASP A 126 15.38 -25.15 54.48
C ASP A 126 14.26 -24.47 55.26
N PHE A 127 14.52 -23.32 55.86
CA PHE A 127 13.52 -22.43 56.45
C PHE A 127 12.41 -23.19 57.18
N GLY A 128 12.80 -23.92 58.23
CA GLY A 128 11.85 -24.58 59.11
C GLY A 128 11.07 -25.74 58.52
N GLY A 129 11.55 -26.31 57.41
CA GLY A 129 10.88 -27.42 56.76
C GLY A 129 10.34 -27.10 55.38
N PHE A 130 10.15 -25.81 55.07
CA PHE A 130 9.68 -25.41 53.74
C PHE A 130 10.86 -25.47 52.78
N ASN A 131 10.74 -26.30 51.75
CA ASN A 131 11.86 -26.57 50.85
C ASN A 131 11.86 -25.50 49.77
N PHE A 132 12.75 -24.53 49.89
CA PHE A 132 12.91 -23.46 48.90
C PHE A 132 14.03 -23.74 47.91
N SER A 133 14.40 -25.02 47.72
CA SER A 133 15.47 -25.34 46.80
C SER A 133 15.06 -25.10 45.36
N GLN A 134 13.76 -25.22 45.06
CA GLN A 134 13.27 -24.93 43.71
C GLN A 134 13.29 -23.44 43.39
N ILE A 135 13.44 -22.59 44.40
CA ILE A 135 13.18 -21.16 44.25
C ILE A 135 14.45 -20.33 44.39
N LEU A 136 15.40 -20.73 45.23
CA LEU A 136 16.57 -19.86 45.38
C LEU A 136 17.63 -20.17 44.32
N PRO A 137 18.30 -19.14 43.81
CA PRO A 137 19.38 -19.36 42.83
C PRO A 137 20.65 -19.86 43.49
N ASP A 138 21.47 -20.53 42.67
CA ASP A 138 22.68 -21.16 43.17
C ASP A 138 23.88 -20.82 42.29
N PRO A 139 25.06 -20.65 42.87
CA PRO A 139 26.29 -20.54 42.08
C PRO A 139 26.85 -21.88 41.62
N SER A 140 26.16 -22.99 41.88
CA SER A 140 26.61 -24.29 41.38
C SER A 140 26.52 -24.36 39.87
N LYS A 141 25.59 -23.62 39.28
CA LYS A 141 25.58 -23.38 37.85
C LYS A 141 25.78 -21.88 37.63
N PRO A 142 26.75 -21.49 36.81
CA PRO A 142 27.20 -20.08 36.81
C PRO A 142 26.16 -19.07 36.34
N SER A 143 25.02 -19.50 35.79
CA SER A 143 23.98 -18.54 35.44
C SER A 143 23.31 -17.96 36.67
N LYS A 144 23.30 -18.71 37.78
CA LYS A 144 22.73 -18.26 39.05
C LYS A 144 21.25 -17.91 38.92
N ARG A 145 20.53 -18.70 38.12
CA ARG A 145 19.08 -18.70 38.10
C ARG A 145 18.56 -19.82 39.00
N SER A 146 17.30 -19.69 39.41
CA SER A 146 16.68 -20.76 40.18
C SER A 146 16.36 -21.94 39.27
N PRO A 147 16.26 -23.15 39.84
CA PRO A 147 15.92 -24.32 39.02
C PRO A 147 14.61 -24.18 38.26
N ILE A 148 13.65 -23.45 38.82
CA ILE A 148 12.40 -23.19 38.10
C ILE A 148 12.62 -22.11 37.04
N GLU A 149 13.36 -21.06 37.38
CA GLU A 149 13.66 -20.00 36.42
C GLU A 149 14.37 -20.57 35.19
N ASP A 150 15.26 -21.54 35.40
CA ASP A 150 15.93 -22.18 34.28
C ASP A 150 14.94 -22.95 33.40
N LEU A 151 13.87 -23.48 33.98
CA LEU A 151 12.87 -24.16 33.16
C LEU A 151 12.03 -23.16 32.38
N LEU A 152 11.71 -22.02 32.99
CA LEU A 152 11.02 -20.96 32.26
C LEU A 152 11.80 -20.51 31.04
N PHE A 153 13.12 -20.31 31.20
CA PHE A 153 13.96 -19.91 30.08
C PHE A 153 14.26 -21.06 29.13
N ASN A 154 13.88 -22.29 29.47
CA ASN A 154 14.03 -23.43 28.58
C ASN A 154 12.81 -23.61 27.66
N LYS A 155 11.61 -23.57 28.24
CA LYS A 155 10.41 -23.82 27.45
C LYS A 155 10.02 -22.62 26.60
N VAL A 156 10.23 -21.40 27.10
CA VAL A 156 9.97 -20.19 26.34
C VAL A 156 11.25 -19.85 25.60
N THR A 157 11.36 -20.30 24.35
CA THR A 157 12.58 -20.12 23.59
C THR A 157 12.25 -20.02 22.11
N LEU A 158 13.22 -19.53 21.34
CA LEU A 158 13.08 -19.38 19.89
C LEU A 158 13.03 -20.74 19.21
N ALA A 161 15.77 -18.94 10.11
CA ALA A 161 14.61 -18.70 9.26
C ALA A 161 13.74 -17.58 9.80
N GLY A 162 14.24 -16.90 10.83
CA GLY A 162 13.54 -15.75 11.38
C GLY A 162 14.52 -14.67 11.78
N PHE A 163 14.00 -13.47 11.95
CA PHE A 163 14.88 -12.32 12.11
C PHE A 163 15.43 -12.20 13.52
N ILE A 164 14.62 -12.50 14.54
CA ILE A 164 15.15 -12.47 15.90
C ILE A 164 16.28 -13.48 16.04
N LYS A 165 16.26 -14.54 15.23
CA LYS A 165 17.37 -15.49 15.18
C LYS A 165 18.50 -14.96 14.30
N GLN A 166 18.16 -14.44 13.12
CA GLN A 166 19.19 -14.08 12.14
C GLN A 166 20.00 -12.87 12.59
N TYR A 167 19.34 -11.88 13.22
CA TYR A 167 20.08 -10.72 13.69
C TYR A 167 21.02 -11.09 14.83
N GLY A 168 20.63 -12.06 15.66
CA GLY A 168 21.51 -12.54 16.71
C GLY A 168 22.67 -13.37 16.16
N ASP A 169 22.37 -14.26 15.20
CA ASP A 169 23.43 -14.98 14.51
C ASP A 169 24.35 -14.03 13.77
N CYS A 170 23.84 -12.85 13.41
CA CYS A 170 24.65 -11.82 12.77
C CYS A 170 25.49 -11.07 13.79
N LEU A 171 24.89 -10.69 14.92
CA LEU A 171 25.58 -9.92 15.94
C LEU A 171 26.42 -10.83 16.83
N GLY A 172 27.61 -11.14 16.36
CA GLY A 172 28.61 -11.72 17.25
C GLY A 172 29.12 -10.66 18.20
N ASP A 173 29.34 -11.05 19.46
CA ASP A 173 29.72 -10.07 20.48
C ASP A 173 30.98 -9.32 20.09
N ILE A 174 31.91 -10.01 19.41
CA ILE A 174 32.97 -9.40 18.63
C ILE A 174 32.74 -9.79 17.16
N ALA A 175 33.52 -9.17 16.27
CA ALA A 175 33.46 -9.22 14.81
C ALA A 175 32.20 -8.58 14.23
N ALA A 176 31.19 -8.24 15.04
CA ALA A 176 30.00 -7.59 14.52
C ALA A 176 29.68 -6.36 15.36
N ARG A 177 28.95 -5.43 14.75
CA ARG A 177 28.49 -4.24 15.45
C ARG A 177 27.09 -3.91 14.98
N ASP A 178 26.51 -2.85 15.55
CA ASP A 178 25.17 -2.45 15.15
C ASP A 178 25.12 -2.06 13.67
N LEU A 179 26.07 -1.23 13.24
CA LEU A 179 26.01 -0.68 11.90
C LEU A 179 26.27 -1.73 10.83
N ILE A 180 27.24 -2.62 11.07
CA ILE A 180 27.61 -3.58 10.04
C ILE A 180 26.48 -4.57 9.77
N CYS A 181 25.66 -4.86 10.77
CA CYS A 181 24.52 -5.75 10.55
C CYS A 181 23.26 -5.01 10.16
N ALA A 182 23.19 -3.70 10.42
CA ALA A 182 22.16 -2.89 9.78
C ALA A 182 22.40 -2.77 8.28
N GLN A 183 23.65 -3.00 7.85
CA GLN A 183 24.02 -3.09 6.45
C GLN A 183 23.83 -4.50 5.89
N LYS A 184 24.28 -5.52 6.62
CA LYS A 184 24.17 -6.90 6.14
C LYS A 184 22.72 -7.33 6.06
N PHE A 185 21.86 -6.79 6.93
CA PHE A 185 20.42 -6.98 6.89
C PHE A 185 19.77 -5.61 6.85
N ASN A 186 18.95 -5.37 5.82
CA ASN A 186 18.49 -4.05 5.41
C ASN A 186 17.73 -3.29 6.50
N GLY A 187 18.47 -2.69 7.44
CA GLY A 187 17.97 -1.62 8.29
C GLY A 187 17.27 -2.05 9.57
N LEU A 188 16.68 -3.24 9.60
CA LEU A 188 15.93 -3.68 10.77
C LEU A 188 16.86 -4.20 11.85
N THR A 189 16.60 -3.78 13.09
CA THR A 189 17.43 -4.15 14.23
C THR A 189 16.54 -4.44 15.43
N VAL A 190 17.06 -5.27 16.34
CA VAL A 190 16.49 -5.45 17.67
C VAL A 190 17.54 -5.01 18.68
N LEU A 191 17.13 -4.15 19.63
CA LEU A 191 18.05 -3.44 20.49
C LEU A 191 18.20 -4.13 21.84
N PRO A 192 19.31 -3.88 22.55
CA PRO A 192 19.52 -4.54 23.83
C PRO A 192 18.49 -4.08 24.86
N PRO A 193 18.10 -4.95 25.79
CA PRO A 193 17.26 -4.51 26.90
C PRO A 193 18.07 -3.72 27.91
N LEU A 194 17.41 -2.73 28.53
CA LEU A 194 18.05 -1.99 29.61
C LEU A 194 18.42 -2.91 30.77
N LEU A 195 17.55 -3.85 31.10
CA LEU A 195 17.78 -4.83 32.14
C LEU A 195 17.77 -6.21 31.50
N THR A 196 18.92 -6.88 31.51
CA THR A 196 19.05 -8.17 30.87
C THR A 196 18.41 -9.26 31.73
N ASP A 197 18.49 -10.50 31.25
CA ASP A 197 17.90 -11.62 31.98
C ASP A 197 18.57 -11.80 33.33
N GLU A 198 19.87 -11.58 33.41
CA GLU A 198 20.59 -11.76 34.68
C GLU A 198 20.30 -10.62 35.64
N MET A 199 20.14 -9.40 35.13
CA MET A 199 19.78 -8.28 35.98
C MET A 199 18.36 -8.45 36.53
N ILE A 200 17.43 -8.87 35.68
CA ILE A 200 16.09 -9.21 36.14
C ILE A 200 16.15 -10.33 37.17
N ALA A 201 17.06 -11.30 36.95
CA ALA A 201 17.24 -12.38 37.92
C ALA A 201 17.77 -11.86 39.26
N GLN A 202 18.61 -10.82 39.24
CA GLN A 202 19.09 -10.26 40.49
C GLN A 202 17.98 -9.52 41.24
N TYR A 203 17.11 -8.82 40.51
CA TYR A 203 15.94 -8.22 41.14
C TYR A 203 15.05 -9.28 41.74
N THR A 204 14.86 -10.39 41.03
CA THR A 204 14.09 -11.51 41.57
C THR A 204 14.75 -12.10 42.81
N SER A 205 16.08 -12.22 42.78
CA SER A 205 16.81 -12.74 43.94
C SER A 205 16.61 -11.84 45.16
N ALA A 206 16.70 -10.52 44.96
CA ALA A 206 16.50 -9.61 46.08
C ALA A 206 15.08 -9.66 46.59
N LEU A 207 14.10 -9.81 45.68
CA LEU A 207 12.71 -9.93 46.10
C LEU A 207 12.48 -11.21 46.89
N LEU A 208 13.07 -12.32 46.46
CA LEU A 208 12.93 -13.57 47.18
C LEU A 208 13.54 -13.46 48.58
N ALA A 209 14.76 -12.92 48.66
CA ALA A 209 15.41 -12.77 49.96
C ALA A 209 14.62 -11.84 50.87
N GLY A 210 14.03 -10.79 50.31
CA GLY A 210 13.24 -9.87 51.11
C GLY A 210 11.89 -10.41 51.52
N THR A 211 11.35 -11.37 50.78
CA THR A 211 10.09 -12.02 51.13
C THR A 211 10.27 -13.17 52.10
N ILE A 212 11.46 -13.77 52.14
CA ILE A 212 11.72 -14.89 53.03
C ILE A 212 12.36 -14.42 54.33
N THR A 213 13.40 -13.58 54.24
CA THR A 213 14.08 -13.12 55.45
C THR A 213 13.21 -12.16 56.25
N SER A 214 12.33 -11.43 55.58
CA SER A 214 11.41 -10.53 56.24
C SER A 214 10.08 -10.55 55.49
N GLY A 215 9.12 -9.78 56.00
CA GLY A 215 7.89 -9.52 55.29
C GLY A 215 7.85 -8.06 54.85
N TRP A 216 7.54 -7.85 53.57
CA TRP A 216 7.42 -6.51 53.02
C TRP A 216 6.11 -5.92 53.55
N THR A 217 6.22 -5.16 54.65
CA THR A 217 5.06 -4.56 55.30
C THR A 217 3.98 -5.59 55.64
N GLY A 221 2.10 -4.99 58.80
CA GLY A 221 3.05 -3.89 58.86
C GLY A 221 3.31 -3.40 60.27
N PRO A 222 4.45 -2.72 60.49
CA PRO A 222 5.51 -2.38 59.52
C PRO A 222 6.42 -3.56 59.17
N ALA A 223 7.61 -3.30 58.64
CA ALA A 223 8.46 -4.32 58.05
C ALA A 223 9.79 -4.38 58.76
N LEU A 224 10.15 -5.56 59.26
CA LEU A 224 11.46 -5.85 59.83
C LEU A 224 11.69 -7.35 59.76
N GLN A 225 12.96 -7.75 59.86
CA GLN A 225 13.32 -9.14 59.61
C GLN A 225 12.82 -10.04 60.74
N ILE A 226 12.33 -11.22 60.35
CA ILE A 226 11.75 -12.21 61.26
C ILE A 226 11.99 -13.61 60.71
N PRO A 227 12.02 -14.64 61.55
CA PRO A 227 12.11 -16.02 61.04
C PRO A 227 10.91 -16.35 60.17
N PHE A 228 11.11 -17.31 59.26
CA PHE A 228 10.11 -17.56 58.22
C PHE A 228 8.82 -18.18 58.76
N PRO A 229 8.85 -19.31 59.47
CA PRO A 229 7.57 -19.86 59.97
C PRO A 229 6.84 -18.90 60.89
N MET A 230 7.58 -18.08 61.64
CA MET A 230 6.96 -17.03 62.42
C MET A 230 6.31 -15.97 61.52
N GLN A 231 6.92 -15.70 60.36
CA GLN A 231 6.32 -14.75 59.44
C GLN A 231 5.01 -15.31 58.86
N MET A 232 5.01 -16.60 58.51
CA MET A 232 3.78 -17.21 58.01
C MET A 232 2.72 -17.30 59.10
N ALA A 233 3.13 -17.35 60.37
CA ALA A 233 2.16 -17.25 61.46
C ALA A 233 1.46 -15.90 61.44
N TYR A 234 2.22 -14.83 61.12
CA TYR A 234 1.60 -13.53 60.91
C TYR A 234 0.73 -13.52 59.65
N ARG A 235 1.10 -14.29 58.63
CA ARG A 235 0.24 -14.42 57.47
C ARG A 235 -1.07 -15.08 57.84
N PHE A 236 -1.02 -16.10 58.70
CA PHE A 236 -2.23 -16.72 59.22
C PHE A 236 -3.08 -15.72 59.97
N ASN A 237 -2.46 -14.90 60.82
CA ASN A 237 -3.21 -13.89 61.54
C ASN A 237 -3.78 -12.83 60.60
N GLY A 238 -3.15 -12.63 59.45
CA GLY A 238 -3.72 -11.74 58.45
C GLY A 238 -4.96 -12.33 57.81
N ILE A 239 -4.97 -13.65 57.61
CA ILE A 239 -6.16 -14.32 57.12
C ILE A 239 -7.31 -14.21 58.12
N GLY A 240 -7.00 -14.34 59.41
CA GLY A 240 -8.03 -14.37 60.43
C GLY A 240 -7.95 -15.60 61.29
N VAL A 241 -6.84 -16.33 61.17
CA VAL A 241 -6.59 -17.54 61.95
C VAL A 241 -5.45 -17.26 62.91
N THR A 242 -5.65 -17.56 64.18
CA THR A 242 -4.67 -17.22 65.20
C THR A 242 -3.34 -17.92 64.95
N GLN A 243 -2.26 -17.31 65.44
CA GLN A 243 -0.92 -17.71 65.03
C GLN A 243 -0.58 -19.13 65.48
N ASN A 244 -1.13 -19.57 66.62
CA ASN A 244 -0.78 -20.87 67.16
C ASN A 244 -1.18 -22.01 66.24
N VAL A 245 -2.18 -21.79 65.38
CA VAL A 245 -2.64 -22.82 64.45
C VAL A 245 -1.53 -23.24 63.49
N LEU A 246 -0.57 -22.35 63.22
CA LEU A 246 0.50 -22.70 62.29
C LEU A 246 1.61 -23.50 62.97
N TYR A 247 2.11 -23.00 64.11
CA TYR A 247 3.27 -23.63 64.74
C TYR A 247 3.00 -25.09 65.09
N GLU A 248 1.76 -25.44 65.37
CA GLU A 248 1.39 -26.81 65.72
C GLU A 248 1.01 -27.65 64.51
N ASN A 249 0.91 -27.05 63.32
CA ASN A 249 0.73 -27.78 62.08
C ASN A 249 1.88 -27.54 61.10
N GLN A 250 3.04 -27.12 61.62
CA GLN A 250 4.10 -26.61 60.75
C GLN A 250 4.61 -27.68 59.79
N LYS A 251 4.77 -28.92 60.27
CA LYS A 251 5.25 -29.97 59.39
C LYS A 251 4.21 -30.32 58.32
N LEU A 252 2.92 -30.29 58.68
CA LEU A 252 1.88 -30.57 57.70
C LEU A 252 1.79 -29.46 56.67
N ILE A 253 1.85 -28.21 57.13
CA ILE A 253 1.83 -27.07 56.21
C ILE A 253 3.05 -27.12 55.28
N ALA A 254 4.22 -27.43 55.83
CA ALA A 254 5.43 -27.51 55.02
C ALA A 254 5.34 -28.64 54.00
N ASN A 255 4.75 -29.77 54.39
CA ASN A 255 4.63 -30.89 53.46
C ASN A 255 3.67 -30.56 52.32
N GLN A 256 2.56 -29.89 52.63
CA GLN A 256 1.65 -29.45 51.57
C GLN A 256 2.34 -28.46 50.64
N PHE A 257 3.12 -27.54 51.20
CA PHE A 257 3.87 -26.58 50.38
C PHE A 257 4.87 -27.31 49.48
N ASN A 258 5.60 -28.28 50.03
CA ASN A 258 6.61 -28.98 49.25
C ASN A 258 5.99 -29.81 48.13
N SER A 259 4.80 -30.38 48.38
CA SER A 259 4.14 -31.15 47.34
C SER A 259 3.66 -30.25 46.20
N ALA A 260 3.09 -29.10 46.55
CA ALA A 260 2.60 -28.20 45.50
C ALA A 260 3.76 -27.60 44.70
N ILE A 261 4.84 -27.23 45.39
CA ILE A 261 5.98 -26.63 44.69
C ILE A 261 6.69 -27.65 43.82
N GLY A 262 6.64 -28.93 44.20
CA GLY A 262 7.22 -29.96 43.35
C GLY A 262 6.40 -30.20 42.10
N LYS A 263 5.07 -30.20 42.25
CA LYS A 263 4.19 -30.40 41.09
C LYS A 263 4.19 -29.20 40.15
N ILE A 264 4.59 -28.02 40.63
CA ILE A 264 4.71 -26.87 39.72
C ILE A 264 5.79 -27.14 38.68
N GLN A 265 6.98 -27.52 39.13
CA GLN A 265 8.06 -27.82 38.20
C GLN A 265 7.76 -29.08 37.39
N ASP A 266 7.08 -30.05 38.00
CA ASP A 266 6.66 -31.22 37.25
C ASP A 266 5.72 -30.87 36.11
N SER A 267 4.89 -29.85 36.30
CA SER A 267 3.88 -29.47 35.32
C SER A 267 4.45 -28.63 34.18
N LEU A 268 5.39 -27.74 34.48
CA LEU A 268 5.77 -26.71 33.51
C LEU A 268 6.26 -27.32 32.20
N SER A 269 7.13 -28.32 32.28
CA SER A 269 7.72 -28.91 31.08
C SER A 269 6.87 -30.03 30.51
N SER A 270 6.31 -30.89 31.36
CA SER A 270 5.60 -32.07 30.87
C SER A 270 4.20 -31.72 30.39
N THR A 271 3.51 -30.84 31.10
CA THR A 271 2.20 -30.34 30.70
C THR A 271 2.36 -28.90 30.24
N PRO A 272 2.64 -28.67 28.95
CA PRO A 272 3.05 -27.33 28.51
C PRO A 272 1.92 -26.31 28.37
N SER A 273 0.67 -26.71 28.60
CA SER A 273 -0.48 -25.85 28.32
C SER A 273 -0.50 -24.56 29.16
N ALA A 274 0.35 -24.46 30.18
CA ALA A 274 0.45 -23.25 30.99
C ALA A 274 1.38 -22.20 30.40
N LEU A 275 2.42 -22.60 29.69
CA LEU A 275 3.45 -21.70 29.17
C LEU A 275 3.05 -20.98 27.89
N GLY A 276 1.85 -21.25 27.35
CA GLY A 276 1.46 -20.67 26.07
C GLY A 276 1.42 -19.15 26.04
N LYS A 277 1.05 -18.51 27.16
CA LYS A 277 0.93 -17.06 27.21
C LYS A 277 2.25 -16.35 26.91
N LEU A 278 3.39 -17.01 27.17
CA LEU A 278 4.70 -16.45 26.84
C LEU A 278 5.23 -16.92 25.50
N GLN A 279 4.82 -18.11 25.04
CA GLN A 279 5.18 -18.55 23.70
C GLN A 279 4.62 -17.59 22.65
N ASP A 280 3.44 -17.03 22.93
CA ASP A 280 2.78 -16.15 21.95
C ASP A 280 3.57 -14.87 21.73
N VAL A 281 4.00 -14.21 22.82
CA VAL A 281 4.58 -12.88 22.69
C VAL A 281 5.92 -12.93 21.95
N VAL A 282 6.64 -14.03 22.04
CA VAL A 282 7.91 -14.15 21.33
C VAL A 282 7.69 -14.57 19.89
N ASN A 283 6.87 -15.60 19.67
CA ASN A 283 6.71 -16.15 18.32
C ASN A 283 5.96 -15.19 17.40
N GLN A 284 4.89 -14.58 17.90
CA GLN A 284 4.07 -13.71 17.06
C GLN A 284 4.78 -12.40 16.70
N ASN A 285 5.75 -11.97 17.50
CA ASN A 285 6.54 -10.80 17.13
C ASN A 285 7.68 -11.18 16.18
N ALA A 286 8.27 -12.36 16.38
CA ALA A 286 9.24 -12.87 15.41
C ALA A 286 8.57 -13.07 14.06
N GLU A 287 7.33 -13.56 14.06
CA GLU A 287 6.55 -13.66 12.83
C GLU A 287 6.32 -12.29 12.21
N ALA A 288 6.12 -11.27 13.04
CA ALA A 288 5.92 -9.92 12.51
C ALA A 288 7.16 -9.43 11.78
N LEU A 289 8.34 -9.73 12.33
CA LEU A 289 9.57 -9.31 11.66
C LEU A 289 9.81 -10.12 10.38
N ASN A 290 9.44 -11.40 10.39
CA ASN A 290 9.57 -12.20 9.18
C ASN A 290 8.61 -11.73 8.10
N THR A 291 7.37 -11.41 8.49
CA THR A 291 6.38 -10.95 7.51
C THR A 291 6.80 -9.61 6.91
N LEU A 292 7.41 -8.74 7.73
CA LEU A 292 7.94 -7.49 7.19
C LEU A 292 9.08 -7.76 6.21
N VAL A 293 10.07 -8.55 6.64
CA VAL A 293 11.25 -8.76 5.81
C VAL A 293 10.90 -9.54 4.54
N LYS A 294 9.86 -10.39 4.59
CA LYS A 294 9.40 -11.06 3.38
C LYS A 294 8.99 -10.05 2.31
N GLN A 295 8.22 -9.03 2.71
CA GLN A 295 7.82 -8.01 1.75
C GLN A 295 8.99 -7.09 1.40
N LEU A 296 9.94 -6.91 2.31
CA LEU A 296 11.08 -6.05 2.03
C LEU A 296 12.19 -6.75 1.27
N SER A 297 12.14 -8.08 1.15
CA SER A 297 13.18 -8.83 0.44
C SER A 297 12.67 -9.52 -0.81
N SER A 298 11.51 -10.17 -0.74
CA SER A 298 10.96 -10.82 -1.92
C SER A 298 10.42 -9.80 -2.92
N ASN A 299 9.74 -8.77 -2.43
CA ASN A 299 9.19 -7.74 -3.30
C ASN A 299 10.24 -6.71 -3.68
N PHE A 300 11.43 -7.19 -4.07
CA PHE A 300 12.35 -6.40 -4.86
C PHE A 300 12.13 -6.63 -6.35
N GLY A 301 11.74 -7.85 -6.74
CA GLY A 301 11.35 -8.13 -8.10
C GLY A 301 9.85 -8.11 -8.27
N ALA A 302 9.18 -7.31 -7.44
CA ALA A 302 7.74 -7.10 -7.53
C ALA A 302 7.44 -5.67 -7.13
N ILE A 303 6.34 -5.14 -7.64
CA ILE A 303 5.96 -3.75 -7.45
C ILE A 303 7.06 -2.83 -7.96
N ALA A 319 12.45 2.83 -12.84
CA ALA A 319 12.48 4.27 -13.09
C ALA A 319 11.71 5.02 -12.01
N GLU A 320 11.63 6.34 -12.18
CA GLU A 320 11.16 7.20 -11.09
C GLU A 320 9.76 6.81 -10.63
N VAL A 321 8.87 6.46 -11.57
CA VAL A 321 7.52 6.10 -11.20
C VAL A 321 7.47 4.71 -10.57
N GLN A 322 8.16 3.75 -11.17
CA GLN A 322 8.19 2.41 -10.61
C GLN A 322 8.90 2.40 -9.26
N ILE A 323 9.94 3.23 -9.10
CA ILE A 323 10.61 3.35 -7.82
C ILE A 323 9.69 3.97 -6.78
N ASP A 324 8.99 5.05 -7.14
CA ASP A 324 8.10 5.71 -6.19
C ASP A 324 6.90 4.87 -5.83
N ARG A 325 6.65 3.77 -6.55
CA ARG A 325 5.68 2.78 -6.08
C ARG A 325 6.34 1.72 -5.20
N LEU A 326 7.56 1.32 -5.52
CA LEU A 326 8.23 0.27 -4.77
C LEU A 326 8.63 0.73 -3.38
N ILE A 327 9.27 1.90 -3.28
CA ILE A 327 9.73 2.39 -1.99
C ILE A 327 8.55 2.71 -1.09
N THR A 328 7.50 3.33 -1.63
CA THR A 328 6.29 3.56 -0.85
C THR A 328 5.61 2.25 -0.48
N GLY A 329 5.82 1.20 -1.27
CA GLY A 329 5.35 -0.12 -0.87
C GLY A 329 6.11 -0.64 0.34
N ARG A 330 7.42 -0.36 0.41
CA ARG A 330 8.19 -0.69 1.60
C ARG A 330 7.70 0.09 2.80
N LEU A 331 7.37 1.37 2.61
CA LEU A 331 6.83 2.18 3.69
C LEU A 331 5.45 1.70 4.12
N GLN A 332 4.64 1.25 3.16
CA GLN A 332 3.34 0.68 3.50
C GLN A 332 3.51 -0.62 4.27
N SER A 333 4.51 -1.42 3.91
CA SER A 333 4.82 -2.63 4.67
C SER A 333 5.30 -2.27 6.08
N LEU A 334 6.07 -1.20 6.21
CA LEU A 334 6.51 -0.76 7.53
C LEU A 334 5.33 -0.27 8.36
N GLN A 335 4.38 0.43 7.72
CA GLN A 335 3.18 0.85 8.44
C GLN A 335 2.38 -0.36 8.92
N THR A 336 2.30 -1.40 8.08
CA THR A 336 1.64 -2.64 8.50
C THR A 336 2.32 -3.23 9.71
N TYR A 337 3.66 -3.21 9.74
CA TYR A 337 4.40 -3.75 10.87
C TYR A 337 4.26 -2.87 12.11
N VAL A 338 4.39 -1.56 11.95
CA VAL A 338 4.43 -0.65 13.09
C VAL A 338 3.08 -0.59 13.79
N THR A 339 1.98 -0.59 13.02
CA THR A 339 0.67 -0.45 13.64
C THR A 339 0.32 -1.65 14.51
N GLN A 340 0.75 -2.85 14.11
CA GLN A 340 0.47 -4.02 14.93
C GLN A 340 1.47 -4.16 16.07
N GLN A 341 2.69 -3.62 15.91
CA GLN A 341 3.59 -3.53 17.05
C GLN A 341 3.01 -2.60 18.12
N LEU A 342 2.44 -1.47 17.69
CA LEU A 342 1.80 -0.56 18.63
C LEU A 342 0.52 -1.14 19.21
N ILE A 343 -0.09 -2.13 18.55
CA ILE A 343 -1.26 -2.78 19.11
C ILE A 343 -0.84 -3.88 20.08
N ARG A 344 0.22 -4.61 19.77
CA ARG A 344 0.76 -5.60 20.70
C ARG A 344 1.23 -4.92 21.99
N ALA A 345 1.73 -3.70 21.89
CA ALA A 345 2.13 -2.95 23.07
C ALA A 345 0.95 -2.70 24.00
N ALA A 346 -0.28 -2.69 23.46
CA ALA A 346 -1.45 -2.47 24.31
C ALA A 346 -1.67 -3.65 25.25
N GLU A 347 -1.38 -4.87 24.78
CA GLU A 347 -1.46 -6.02 25.67
C GLU A 347 -0.29 -6.05 26.64
N ILE A 348 0.91 -5.72 26.16
CA ILE A 348 2.10 -5.83 27.00
C ILE A 348 2.05 -4.80 28.12
N ARG A 349 1.57 -3.59 27.84
CA ARG A 349 1.45 -2.57 28.88
C ARG A 349 0.43 -2.98 29.94
N ALA A 350 -0.70 -3.55 29.51
CA ALA A 350 -1.73 -3.95 30.46
C ALA A 350 -1.25 -5.10 31.34
N SER A 351 -0.60 -6.10 30.74
CA SER A 351 -0.12 -7.23 31.51
C SER A 351 1.07 -6.84 32.38
N ALA A 352 1.89 -5.88 31.94
CA ALA A 352 2.99 -5.40 32.77
C ALA A 352 2.46 -4.63 33.98
N ASN A 353 1.42 -3.81 33.79
CA ASN A 353 0.82 -3.12 34.93
C ASN A 353 0.11 -4.09 35.85
N LEU A 354 -0.47 -5.16 35.31
CA LEU A 354 -1.05 -6.20 36.16
C LEU A 354 0.04 -6.89 36.97
N ALA A 355 1.19 -7.16 36.36
CA ALA A 355 2.30 -7.75 37.09
C ALA A 355 2.87 -6.77 38.12
N ALA A 356 2.84 -5.47 37.82
CA ALA A 356 3.36 -4.49 38.76
C ALA A 356 2.45 -4.35 39.97
N THR A 357 1.14 -4.33 39.76
CA THR A 357 0.22 -4.20 40.89
C THR A 357 0.15 -5.48 41.70
N LYS A 358 0.35 -6.63 41.05
CA LYS A 358 0.43 -7.88 41.81
C LYS A 358 1.78 -8.07 42.47
N MET A 359 2.82 -7.37 41.98
CA MET A 359 4.08 -7.32 42.73
C MET A 359 3.91 -6.55 44.02
N SER A 360 3.22 -5.41 43.95
CA SER A 360 2.99 -4.60 45.14
C SER A 360 2.00 -5.27 46.08
N GLU A 361 1.01 -5.98 45.55
CA GLU A 361 -0.07 -6.52 46.37
C GLU A 361 0.22 -7.93 46.88
N CYS A 362 0.85 -8.78 46.06
CA CYS A 362 1.06 -10.18 46.42
C CYS A 362 2.45 -10.45 46.98
N VAL A 363 3.49 -9.88 46.38
CA VAL A 363 4.86 -10.14 46.82
C VAL A 363 5.30 -9.14 47.88
N LEU A 364 5.11 -7.85 47.62
CA LEU A 364 5.50 -6.80 48.55
C LEU A 364 4.51 -6.62 49.70
N GLY A 365 3.72 -7.65 50.00
CA GLY A 365 2.76 -7.54 51.08
C GLY A 365 1.86 -8.75 51.12
N GLN A 366 0.68 -8.57 51.71
CA GLN A 366 -0.35 -9.60 51.72
C GLN A 366 -1.67 -8.95 51.32
N SER A 367 -2.34 -9.55 50.34
CA SER A 367 -3.52 -8.97 49.71
C SER A 367 -4.77 -9.20 50.54
N LYS A 368 -5.62 -8.17 50.60
CA LYS A 368 -6.92 -8.29 51.23
C LYS A 368 -7.98 -8.90 50.32
N ARG A 369 -7.83 -8.80 49.00
CA ARG A 369 -8.85 -9.29 48.09
C ARG A 369 -8.57 -10.73 47.68
N VAL A 370 -9.64 -11.46 47.41
CA VAL A 370 -9.61 -12.90 47.19
C VAL A 370 -9.58 -13.19 45.69
N ASP A 371 -8.94 -14.30 45.33
CA ASP A 371 -8.83 -14.79 43.95
C ASP A 371 -8.09 -13.83 43.04
N PHE A 372 -7.46 -12.80 43.60
CA PHE A 372 -6.60 -11.90 42.83
C PHE A 372 -5.17 -12.42 42.82
N CYS A 373 -4.57 -12.58 44.01
CA CYS A 373 -3.23 -13.15 44.15
C CYS A 373 -3.37 -14.67 44.35
N GLY A 374 -3.88 -15.33 43.33
CA GLY A 374 -4.10 -16.76 43.37
C GLY A 374 -5.46 -17.12 43.98
N LYS A 375 -5.88 -18.35 43.70
CA LYS A 375 -7.20 -18.81 44.09
C LYS A 375 -7.24 -19.12 45.58
N GLY A 376 -8.31 -18.68 46.24
CA GLY A 376 -8.44 -18.82 47.67
C GLY A 376 -7.99 -17.56 48.40
N TYR A 377 -7.92 -17.70 49.72
CA TYR A 377 -7.46 -16.60 50.57
C TYR A 377 -5.95 -16.48 50.47
N HIS A 378 -5.48 -15.25 50.24
CA HIS A 378 -4.07 -15.05 49.93
C HIS A 378 -3.20 -15.21 51.18
N LEU A 379 -2.08 -15.90 51.02
CA LEU A 379 -1.07 -16.05 52.04
C LEU A 379 0.19 -15.25 51.71
N MET A 380 0.83 -15.54 50.59
CA MET A 380 2.01 -14.81 50.14
C MET A 380 2.25 -15.11 48.66
N SER A 381 3.36 -14.63 48.12
CA SER A 381 3.67 -14.85 46.71
C SER A 381 5.17 -14.71 46.50
N PHE A 382 5.69 -15.43 45.50
CA PHE A 382 7.11 -15.42 45.18
C PHE A 382 7.31 -15.19 43.69
N PRO A 383 8.22 -14.31 43.30
CA PRO A 383 8.46 -14.08 41.86
C PRO A 383 9.55 -14.97 41.27
N GLN A 384 9.36 -15.27 39.99
CA GLN A 384 10.34 -15.98 39.18
C GLN A 384 10.38 -15.33 37.81
N SER A 385 11.56 -15.24 37.22
CA SER A 385 11.71 -14.57 35.94
C SER A 385 11.41 -15.53 34.78
N ALA A 386 11.13 -14.93 33.62
CA ALA A 386 10.87 -15.66 32.40
C ALA A 386 11.14 -14.74 31.22
N PRO A 387 11.41 -15.29 30.03
CA PRO A 387 11.62 -14.42 28.86
C PRO A 387 10.46 -13.48 28.61
N HIS A 388 10.70 -12.18 28.79
CA HIS A 388 9.72 -11.12 28.58
C HIS A 388 8.55 -11.22 29.56
N GLY A 389 8.71 -11.90 30.69
CA GLY A 389 7.61 -12.03 31.62
C GLY A 389 8.07 -12.42 33.00
N VAL A 390 7.09 -12.49 33.90
CA VAL A 390 7.31 -12.87 35.29
C VAL A 390 6.25 -13.89 35.68
N VAL A 391 6.63 -14.84 36.52
CA VAL A 391 5.73 -15.86 37.05
C VAL A 391 5.58 -15.63 38.54
N PHE A 392 4.32 -15.57 39.00
CA PHE A 392 4.00 -15.41 40.41
C PHE A 392 3.63 -16.76 41.00
N LEU A 393 4.38 -17.19 42.00
CA LEU A 393 4.09 -18.42 42.76
C LEU A 393 3.22 -18.01 43.94
N HIS A 394 1.91 -17.97 43.70
CA HIS A 394 0.95 -17.57 44.72
C HIS A 394 0.73 -18.72 45.69
N VAL A 395 1.05 -18.49 46.96
CA VAL A 395 0.74 -19.42 48.04
C VAL A 395 -0.54 -18.92 48.71
N THR A 396 -1.55 -19.78 48.75
CA THR A 396 -2.86 -19.40 49.26
C THR A 396 -3.38 -20.44 50.24
N TYR A 397 -4.27 -19.97 51.12
CA TYR A 397 -4.93 -20.78 52.13
C TYR A 397 -6.39 -20.94 51.75
N VAL A 398 -6.92 -22.16 51.89
CA VAL A 398 -8.34 -22.38 51.66
C VAL A 398 -8.87 -23.32 52.72
N PRO A 399 -9.96 -22.96 53.40
CA PRO A 399 -10.50 -23.83 54.46
C PRO A 399 -11.17 -25.07 53.89
N ALA A 400 -11.27 -26.08 54.73
CA ALA A 400 -11.87 -27.36 54.34
C ALA A 400 -12.61 -27.96 55.52
N GLN A 401 -13.51 -28.90 55.21
CA GLN A 401 -14.33 -29.60 56.19
C GLN A 401 -15.12 -28.61 57.05
N GLU A 402 -15.82 -27.70 56.38
CA GLU A 402 -16.75 -26.81 57.05
C GLU A 402 -17.87 -27.62 57.72
N LYS A 403 -18.28 -27.17 58.90
CA LYS A 403 -19.28 -27.91 59.67
C LYS A 403 -20.14 -26.91 60.44
N ASN A 404 -21.41 -27.27 60.62
CA ASN A 404 -22.38 -26.41 61.28
C ASN A 404 -22.46 -26.73 62.77
N PHE A 405 -22.35 -25.70 63.60
CA PHE A 405 -22.48 -25.83 65.04
C PHE A 405 -23.54 -24.86 65.54
N THR A 406 -24.30 -25.29 66.54
CA THR A 406 -25.27 -24.41 67.17
C THR A 406 -24.54 -23.28 67.90
N THR A 407 -25.05 -22.06 67.73
CA THR A 407 -24.37 -20.86 68.23
C THR A 407 -25.33 -20.02 69.05
N ALA A 408 -24.76 -19.09 69.82
CA ALA A 408 -25.50 -18.21 70.70
C ALA A 408 -24.84 -16.83 70.75
N PRO A 409 -25.63 -15.77 70.91
CA PRO A 409 -25.02 -14.43 71.01
C PRO A 409 -24.30 -14.20 72.34
N ALA A 410 -24.92 -14.58 73.45
CA ALA A 410 -24.36 -14.33 74.77
C ALA A 410 -24.63 -15.52 75.69
N ILE A 411 -23.85 -15.60 76.76
CA ILE A 411 -23.99 -16.66 77.76
C ILE A 411 -24.44 -16.02 79.06
N CYS A 412 -25.48 -16.58 79.67
CA CYS A 412 -26.03 -16.05 80.91
C CYS A 412 -25.47 -16.81 82.10
N HIS A 413 -24.97 -16.08 83.09
CA HIS A 413 -24.46 -16.71 84.31
C HIS A 413 -24.66 -15.76 85.48
N ASP A 414 -25.30 -16.26 86.54
CA ASP A 414 -25.55 -15.51 87.76
C ASP A 414 -26.28 -14.19 87.49
N GLY A 415 -27.13 -14.19 86.46
CA GLY A 415 -27.92 -13.04 86.11
C GLY A 415 -27.22 -12.02 85.22
N LYS A 416 -25.98 -12.26 84.83
CA LYS A 416 -25.23 -11.34 83.98
C LYS A 416 -24.98 -11.98 82.62
N ALA A 417 -25.03 -11.15 81.58
CA ALA A 417 -24.79 -11.59 80.22
C ALA A 417 -23.33 -11.41 79.85
N HIS A 418 -22.72 -12.48 79.35
CA HIS A 418 -21.33 -12.49 78.94
C HIS A 418 -21.23 -12.62 77.44
N PHE A 419 -20.29 -11.89 76.84
CA PHE A 419 -20.04 -11.91 75.41
C PHE A 419 -18.60 -12.34 75.15
N PRO A 420 -18.34 -13.02 74.03
CA PRO A 420 -16.98 -13.51 73.78
C PRO A 420 -16.04 -12.35 73.51
N ARG A 421 -14.88 -12.37 74.17
CA ARG A 421 -13.91 -11.30 73.98
C ARG A 421 -13.46 -11.23 72.53
N GLU A 422 -13.34 -12.40 71.88
CA GLU A 422 -13.27 -12.47 70.42
C GLU A 422 -13.60 -13.89 70.02
N GLY A 423 -14.52 -14.02 69.06
CA GLY A 423 -14.95 -15.33 68.62
C GLY A 423 -16.44 -15.51 68.79
N VAL A 424 -16.87 -16.77 68.90
CA VAL A 424 -18.29 -17.10 68.99
C VAL A 424 -18.49 -18.20 70.02
N PHE A 425 -19.71 -18.25 70.56
CA PHE A 425 -20.14 -19.34 71.41
C PHE A 425 -20.72 -20.45 70.55
N VAL A 426 -20.24 -21.68 70.76
CA VAL A 426 -20.72 -22.84 70.02
C VAL A 426 -20.86 -24.01 70.98
N SER A 427 -21.70 -24.97 70.59
CA SER A 427 -21.97 -26.13 71.42
C SER A 427 -21.76 -27.41 70.64
N ASN A 428 -21.19 -28.41 71.31
CA ASN A 428 -21.12 -29.76 70.76
C ASN A 428 -22.41 -30.53 70.97
N GLY A 429 -23.47 -29.87 71.43
CA GLY A 429 -24.70 -30.56 71.78
C GLY A 429 -24.96 -30.56 73.26
N THR A 430 -23.90 -30.75 74.05
CA THR A 430 -24.02 -30.90 75.49
C THR A 430 -23.33 -29.80 76.29
N HIS A 431 -22.26 -29.21 75.77
CA HIS A 431 -21.54 -28.14 76.44
C HIS A 431 -21.29 -27.00 75.48
N TRP A 432 -21.08 -25.82 76.05
CA TRP A 432 -20.84 -24.60 75.28
C TRP A 432 -19.38 -24.20 75.37
N PHE A 433 -18.85 -23.69 74.25
CA PHE A 433 -17.45 -23.31 74.13
C PHE A 433 -17.35 -21.94 73.47
N VAL A 434 -16.16 -21.37 73.53
CA VAL A 434 -15.83 -20.15 72.79
C VAL A 434 -14.74 -20.50 71.79
N THR A 435 -14.87 -19.97 70.58
CA THR A 435 -14.02 -20.42 69.47
C THR A 435 -13.80 -19.25 68.52
N GLN A 436 -12.60 -19.20 67.92
CA GLN A 436 -12.38 -18.27 66.84
C GLN A 436 -13.25 -18.64 65.64
N ARG A 437 -13.84 -17.62 65.02
CA ARG A 437 -14.84 -17.86 63.97
C ARG A 437 -14.25 -18.46 62.71
N ASN A 438 -12.95 -18.32 62.47
CA ASN A 438 -12.36 -18.68 61.18
C ASN A 438 -11.70 -20.05 61.18
N PHE A 439 -11.63 -20.72 62.32
CA PHE A 439 -11.12 -22.09 62.38
C PHE A 439 -11.62 -22.71 63.68
N TYR A 440 -12.01 -23.98 63.61
CA TYR A 440 -12.59 -24.65 64.78
C TYR A 440 -11.49 -24.97 65.77
N GLU A 441 -11.36 -24.14 66.80
CA GLU A 441 -10.42 -24.35 67.90
C GLU A 441 -11.17 -24.02 69.18
N PRO A 442 -11.92 -24.98 69.72
CA PRO A 442 -12.82 -24.68 70.83
C PRO A 442 -12.10 -24.54 72.16
N GLN A 443 -12.70 -23.72 73.03
CA GLN A 443 -12.12 -23.43 74.34
C GLN A 443 -13.23 -23.39 75.37
N ILE A 444 -12.87 -23.66 76.63
CA ILE A 444 -13.81 -23.51 77.73
C ILE A 444 -14.10 -22.03 77.94
N ILE A 445 -15.32 -21.74 78.39
CA ILE A 445 -15.73 -20.36 78.65
C ILE A 445 -15.16 -19.93 80.00
N THR A 446 -14.45 -18.79 80.00
CA THR A 446 -13.78 -18.29 81.19
C THR A 446 -14.09 -16.80 81.36
N THR A 447 -13.59 -16.23 82.46
CA THR A 447 -13.70 -14.80 82.70
C THR A 447 -12.66 -13.99 81.95
N ASP A 448 -11.68 -14.64 81.32
CA ASP A 448 -10.64 -13.93 80.57
C ASP A 448 -10.73 -14.15 79.07
N ASN A 449 -11.70 -14.92 78.59
CA ASN A 449 -12.04 -14.94 77.19
C ASN A 449 -13.43 -14.39 76.93
N THR A 450 -14.14 -13.97 77.96
CA THR A 450 -15.41 -13.26 77.83
C THR A 450 -15.33 -11.94 78.58
N PHE A 451 -16.21 -11.02 78.21
CA PHE A 451 -16.40 -9.78 78.95
C PHE A 451 -17.88 -9.61 79.26
N VAL A 452 -18.16 -8.95 80.38
CA VAL A 452 -19.52 -8.83 80.89
C VAL A 452 -20.05 -7.43 80.63
N SER A 453 -21.32 -7.36 80.22
CA SER A 453 -22.05 -6.11 80.03
C SER A 453 -23.53 -6.38 79.82
N GLY A 454 -24.39 -5.85 80.69
CA GLY A 454 -25.82 -5.99 80.51
C GLY A 454 -26.41 -7.08 81.37
N ASN A 455 -27.64 -7.44 81.02
CA ASN A 455 -28.46 -8.35 81.81
C ASN A 455 -28.89 -9.53 80.93
N CYS A 456 -29.26 -10.63 81.59
CA CYS A 456 -29.73 -11.81 80.87
C CYS A 456 -31.12 -11.63 80.29
N ASP A 457 -31.80 -10.52 80.58
CA ASP A 457 -33.17 -10.30 80.13
C ASP A 457 -33.25 -9.49 78.84
N VAL A 458 -32.30 -8.57 78.61
CA VAL A 458 -32.39 -7.65 77.48
C VAL A 458 -31.91 -8.25 76.17
N VAL A 459 -31.40 -9.49 76.19
CA VAL A 459 -30.73 -10.08 75.04
C VAL A 459 -31.65 -11.09 74.38
N ILE A 460 -31.70 -11.07 73.05
CA ILE A 460 -32.47 -12.04 72.27
C ILE A 460 -31.55 -13.20 71.92
N GLY A 461 -32.03 -14.42 72.14
CA GLY A 461 -31.24 -15.59 71.82
C GLY A 461 -30.23 -15.98 72.87
N ILE A 462 -30.22 -15.32 74.03
CA ILE A 462 -29.26 -15.65 75.07
C ILE A 462 -29.53 -17.04 75.62
N VAL A 463 -28.46 -17.71 76.07
CA VAL A 463 -28.54 -19.08 76.57
C VAL A 463 -27.74 -19.17 77.87
N ASN A 464 -28.11 -20.16 78.69
CA ASN A 464 -27.51 -20.35 80.00
C ASN A 464 -26.38 -21.36 79.94
N ASN A 465 -25.23 -21.00 80.50
CA ASN A 465 -24.11 -21.92 80.65
C ASN A 465 -23.16 -21.37 81.70
N THR A 466 -22.46 -22.27 82.38
CA THR A 466 -21.54 -21.86 83.41
C THR A 466 -20.31 -21.18 82.82
N VAL A 467 -19.73 -20.25 83.59
CA VAL A 467 -18.52 -19.54 83.20
C VAL A 467 -17.53 -19.66 84.34
N TYR A 468 -16.29 -19.99 84.01
CA TYR A 468 -15.29 -20.37 85.00
C TYR A 468 -14.32 -19.22 85.28
N ASP A 469 -13.73 -19.25 86.47
CA ASP A 469 -12.73 -18.27 86.90
C ASP A 469 -11.49 -19.00 87.38
N PRO A 470 -10.49 -19.19 86.52
CA PRO A 470 -9.24 -19.86 86.91
C PRO A 470 -8.37 -18.98 87.81
N ASN B 33 25.72 32.46 -42.71
CA ASN B 33 25.07 32.56 -44.01
C ASN B 33 23.83 33.45 -43.93
N CYS B 34 23.32 33.86 -45.09
CA CYS B 34 22.29 34.89 -45.12
C CYS B 34 21.52 34.83 -46.43
N VAL B 35 20.28 35.28 -46.35
CA VAL B 35 19.49 35.64 -47.53
C VAL B 35 19.30 37.15 -47.44
N ALA B 36 20.17 37.89 -48.14
CA ALA B 36 20.30 39.32 -47.90
C ALA B 36 19.30 40.12 -48.72
N TYR B 37 19.02 41.32 -48.25
CA TYR B 37 18.03 42.17 -48.90
C TYR B 37 18.55 42.70 -50.23
N SER B 38 17.60 43.05 -51.10
CA SER B 38 17.92 43.73 -52.35
C SER B 38 16.70 44.54 -52.78
N ASN B 39 16.91 45.83 -53.04
CA ASN B 39 15.87 46.65 -53.65
C ASN B 39 15.77 46.42 -55.15
N ASN B 40 16.73 45.73 -55.75
CA ASN B 40 16.79 45.52 -57.19
C ASN B 40 16.42 44.10 -57.62
N SER B 41 16.34 43.16 -56.68
CA SER B 41 16.22 41.74 -57.03
C SER B 41 15.04 41.11 -56.34
N ILE B 42 14.58 39.99 -56.90
CA ILE B 42 13.52 39.18 -56.32
C ILE B 42 13.88 37.71 -56.52
N ALA B 43 13.52 36.88 -55.56
CA ALA B 43 13.81 35.45 -55.62
C ALA B 43 12.56 34.69 -56.03
N ILE B 44 12.67 33.89 -57.08
CA ILE B 44 11.55 33.11 -57.61
C ILE B 44 12.00 31.68 -57.82
N PRO B 45 11.23 30.69 -57.40
CA PRO B 45 11.60 29.29 -57.65
C PRO B 45 11.33 28.91 -59.10
N THR B 46 12.25 28.13 -59.66
CA THR B 46 12.14 27.68 -61.04
C THR B 46 11.77 26.21 -61.17
N ASN B 47 11.76 25.46 -60.07
CA ASN B 47 11.31 24.08 -60.07
C ASN B 47 10.62 23.79 -58.74
N PHE B 48 10.09 22.58 -58.61
CA PHE B 48 9.42 22.18 -57.39
C PHE B 48 9.46 20.66 -57.28
N THR B 49 9.21 20.17 -56.07
CA THR B 49 9.13 18.73 -55.84
C THR B 49 7.99 18.44 -54.87
N ILE B 50 7.41 17.25 -55.04
CA ILE B 50 6.25 16.81 -54.27
C ILE B 50 6.75 15.92 -53.13
N SER B 51 6.30 16.22 -51.92
CA SER B 51 6.71 15.48 -50.73
C SER B 51 5.49 14.82 -50.10
N VAL B 52 5.62 13.53 -49.79
CA VAL B 52 4.59 12.79 -49.08
C VAL B 52 5.18 12.34 -47.75
N THR B 53 4.46 12.61 -46.66
CA THR B 53 4.95 12.29 -45.33
C THR B 53 3.83 11.67 -44.50
N THR B 54 4.22 10.81 -43.57
CA THR B 54 3.27 10.14 -42.68
C THR B 54 3.23 10.83 -41.33
N GLU B 55 2.01 10.96 -40.80
CA GLU B 55 1.81 11.39 -39.41
C GLU B 55 0.92 10.37 -38.74
N ILE B 56 1.44 9.69 -37.73
CA ILE B 56 0.75 8.59 -37.06
C ILE B 56 0.42 9.05 -35.64
N LEU B 57 -0.85 8.94 -35.27
CA LEU B 57 -1.33 9.49 -34.02
C LEU B 57 -2.24 8.49 -33.32
N PRO B 58 -1.97 8.14 -32.06
CA PRO B 58 -2.87 7.27 -31.30
C PRO B 58 -4.13 8.02 -30.87
N VAL B 59 -5.26 7.32 -30.95
CA VAL B 59 -6.56 7.94 -30.64
C VAL B 59 -7.33 7.09 -29.64
N SER B 60 -6.91 5.84 -29.44
CA SER B 60 -7.70 4.91 -28.65
C SER B 60 -6.82 4.18 -27.64
N MET B 61 -7.48 3.56 -26.66
CA MET B 61 -6.81 2.85 -25.60
C MET B 61 -7.71 1.70 -25.14
N THR B 62 -7.10 0.69 -24.55
CA THR B 62 -7.85 -0.50 -24.11
C THR B 62 -8.86 -0.14 -23.02
N LYS B 63 -10.14 -0.25 -23.34
CA LYS B 63 -11.22 0.07 -22.40
C LYS B 63 -11.27 -0.99 -21.32
N THR B 64 -10.69 -0.67 -20.16
CA THR B 64 -10.64 -1.60 -19.03
C THR B 64 -11.78 -1.30 -18.05
N SER B 65 -12.40 -2.36 -17.55
CA SER B 65 -13.40 -2.24 -16.51
C SER B 65 -13.34 -3.48 -15.64
N VAL B 66 -13.61 -3.31 -14.34
CA VAL B 66 -13.59 -4.40 -13.39
C VAL B 66 -14.98 -4.56 -12.79
N ASP B 67 -15.38 -5.80 -12.56
CA ASP B 67 -16.64 -6.10 -11.89
C ASP B 67 -16.38 -6.15 -10.39
N CYS B 68 -16.86 -5.13 -9.66
CA CYS B 68 -16.65 -5.11 -8.22
C CYS B 68 -17.32 -6.29 -7.53
N THR B 69 -18.23 -6.98 -8.21
CA THR B 69 -18.81 -8.20 -7.66
C THR B 69 -17.77 -9.30 -7.49
N MET B 70 -16.70 -9.27 -8.29
CA MET B 70 -15.62 -10.24 -8.18
C MET B 70 -14.36 -9.68 -7.56
N TYR B 71 -14.23 -8.36 -7.45
CA TYR B 71 -13.01 -7.76 -6.93
C TYR B 71 -13.20 -7.31 -5.49
N CYS B 90 -13.71 0.50 -4.69
CA CYS B 90 -14.02 0.02 -6.03
C CYS B 90 -14.96 0.99 -6.74
N THR B 91 -15.48 1.96 -5.97
CA THR B 91 -16.38 2.95 -6.54
C THR B 91 -15.66 3.83 -7.56
N GLN B 92 -14.51 4.38 -7.17
CA GLN B 92 -13.72 5.18 -8.11
C GLN B 92 -13.08 4.32 -9.19
N LEU B 93 -12.90 3.03 -8.92
CA LEU B 93 -12.26 2.14 -9.89
C LEU B 93 -13.14 1.88 -11.10
N ASN B 94 -14.44 2.14 -11.01
CA ASN B 94 -15.33 2.04 -12.16
C ASN B 94 -16.01 3.34 -12.53
N ARG B 95 -16.23 4.26 -11.57
CA ARG B 95 -16.80 5.55 -11.92
C ARG B 95 -15.82 6.38 -12.74
N ALA B 96 -14.52 6.20 -12.52
CA ALA B 96 -13.52 6.91 -13.33
C ALA B 96 -13.23 6.18 -14.63
N LEU B 97 -13.11 4.85 -14.58
CA LEU B 97 -12.85 4.09 -15.81
C LEU B 97 -14.01 4.15 -16.79
N THR B 98 -15.25 4.22 -16.30
CA THR B 98 -16.38 4.37 -17.20
C THR B 98 -16.28 5.67 -18.00
N GLY B 99 -15.86 6.75 -17.35
CA GLY B 99 -15.76 8.03 -18.03
C GLY B 99 -14.70 8.04 -19.10
N ILE B 100 -13.53 7.48 -18.80
CA ILE B 100 -12.44 7.49 -19.77
C ILE B 100 -12.67 6.44 -20.87
N ALA B 101 -13.36 5.35 -20.57
CA ALA B 101 -13.67 4.38 -21.61
C ALA B 101 -14.66 4.95 -22.62
N VAL B 102 -15.70 5.63 -22.13
CA VAL B 102 -16.60 6.35 -23.01
C VAL B 102 -15.87 7.48 -23.71
N GLU B 103 -14.86 8.05 -23.05
CA GLU B 103 -14.03 9.06 -23.70
C GLU B 103 -13.23 8.49 -24.85
N GLN B 104 -12.80 7.23 -24.74
CA GLN B 104 -12.16 6.57 -25.88
C GLN B 104 -13.14 6.38 -27.03
N ASP B 105 -14.39 6.04 -26.70
CA ASP B 105 -15.42 5.98 -27.74
C ASP B 105 -15.64 7.34 -28.37
N LYS B 106 -15.59 8.40 -27.56
CA LYS B 106 -15.72 9.76 -28.10
C LYS B 106 -14.53 10.12 -28.99
N ASN B 107 -13.32 9.68 -28.60
CA ASN B 107 -12.15 9.92 -29.43
C ASN B 107 -12.32 9.28 -30.80
N THR B 108 -12.73 8.01 -30.83
CA THR B 108 -12.90 7.30 -32.09
C THR B 108 -13.98 7.95 -32.94
N GLN B 109 -15.07 8.40 -32.31
CA GLN B 109 -16.15 9.04 -33.05
C GLN B 109 -15.73 10.42 -33.55
N GLU B 110 -15.07 11.20 -32.70
CA GLU B 110 -14.72 12.58 -33.05
C GLU B 110 -13.68 12.65 -34.16
N VAL B 111 -12.87 11.61 -34.35
CA VAL B 111 -11.80 11.69 -35.33
C VAL B 111 -12.24 11.16 -36.70
N PHE B 112 -13.09 10.13 -36.72
CA PHE B 112 -13.49 9.50 -37.98
C PHE B 112 -14.88 9.91 -38.45
N ALA B 113 -15.84 10.08 -37.53
CA ALA B 113 -17.20 10.42 -37.90
C ALA B 113 -17.36 11.92 -38.15
N GLN B 114 -16.47 12.50 -38.96
CA GLN B 114 -16.52 13.91 -39.29
C GLN B 114 -17.38 14.22 -40.50
N VAL B 115 -17.81 13.21 -41.26
CA VAL B 115 -18.62 13.41 -42.45
C VAL B 115 -19.49 12.17 -42.65
N LYS B 116 -20.58 12.35 -43.42
CA LYS B 116 -21.58 11.30 -43.53
C LYS B 116 -21.91 10.97 -44.98
N GLN B 117 -21.79 11.95 -45.87
CA GLN B 117 -22.22 11.76 -47.26
C GLN B 117 -21.27 10.81 -47.97
N ILE B 118 -21.82 9.77 -48.57
CA ILE B 118 -21.03 8.67 -49.11
C ILE B 118 -20.57 9.00 -50.53
N TYR B 119 -19.25 9.11 -50.70
CA TYR B 119 -18.59 8.98 -51.99
C TYR B 119 -17.98 7.59 -52.07
N CYS B 120 -18.16 6.93 -53.22
CA CYS B 120 -17.84 5.52 -53.38
C CYS B 120 -16.45 5.29 -53.95
N THR B 121 -15.99 4.04 -53.83
CA THR B 121 -14.71 3.62 -54.38
C THR B 121 -14.74 3.76 -55.91
N PRO B 122 -13.60 4.07 -56.54
CA PRO B 122 -13.62 4.48 -57.95
C PRO B 122 -14.19 3.40 -58.86
N PRO B 123 -13.68 2.13 -58.84
CA PRO B 123 -12.51 1.54 -58.19
C PRO B 123 -11.38 1.29 -59.19
N ILE B 124 -11.44 1.94 -60.36
CA ILE B 124 -10.55 1.59 -61.45
C ILE B 124 -9.14 2.12 -61.23
N LYS B 125 -9.01 3.29 -60.60
CA LYS B 125 -7.71 3.86 -60.22
C LYS B 125 -6.84 4.17 -61.44
N ASP B 126 -7.39 4.95 -62.37
CA ASP B 126 -6.60 5.51 -63.45
C ASP B 126 -6.66 7.02 -63.36
N PHE B 127 -6.25 7.55 -62.21
CA PHE B 127 -6.38 8.96 -61.88
C PHE B 127 -5.27 9.80 -62.53
N GLY B 128 -5.22 9.76 -63.86
CA GLY B 128 -4.31 10.62 -64.58
C GLY B 128 -2.85 10.39 -64.29
N GLY B 129 -2.52 9.23 -63.72
CA GLY B 129 -1.16 8.89 -63.37
C GLY B 129 -0.91 8.76 -61.89
N PHE B 130 -1.74 9.36 -61.04
CA PHE B 130 -1.59 9.23 -59.60
C PHE B 130 -2.13 7.87 -59.16
N ASN B 131 -1.30 7.09 -58.47
CA ASN B 131 -1.66 5.73 -58.09
C ASN B 131 -2.03 5.69 -56.60
N PHE B 132 -3.30 5.39 -56.32
CA PHE B 132 -3.79 5.22 -54.97
C PHE B 132 -3.99 3.76 -54.59
N SER B 133 -3.22 2.86 -55.20
CA SER B 133 -3.41 1.43 -54.94
C SER B 133 -3.04 1.05 -53.51
N GLN B 134 -2.03 1.71 -52.93
CA GLN B 134 -1.65 1.47 -51.55
C GLN B 134 -2.61 2.12 -50.55
N ILE B 135 -3.46 3.02 -51.00
CA ILE B 135 -4.26 3.84 -50.10
C ILE B 135 -5.74 3.43 -50.13
N LEU B 136 -6.25 3.06 -51.29
CA LEU B 136 -7.63 2.63 -51.40
C LEU B 136 -7.77 1.17 -50.94
N PRO B 137 -8.95 0.79 -50.44
CA PRO B 137 -9.13 -0.59 -49.96
C PRO B 137 -8.98 -1.59 -51.09
N ASP B 138 -8.57 -2.81 -50.73
CA ASP B 138 -8.21 -3.83 -51.70
C ASP B 138 -9.02 -5.09 -51.43
N PRO B 139 -9.74 -5.62 -52.43
CA PRO B 139 -10.46 -6.88 -52.24
C PRO B 139 -9.61 -8.13 -52.33
N SER B 140 -8.28 -8.00 -52.34
CA SER B 140 -7.44 -9.19 -52.41
C SER B 140 -7.54 -10.01 -51.13
N LYS B 141 -7.85 -9.37 -50.00
CA LYS B 141 -8.14 -10.06 -48.76
C LYS B 141 -9.54 -9.70 -48.30
N PRO B 142 -10.30 -10.66 -47.75
CA PRO B 142 -11.69 -10.38 -47.37
C PRO B 142 -11.83 -9.37 -46.25
N SER B 143 -10.72 -8.99 -45.59
CA SER B 143 -10.78 -7.87 -44.66
C SER B 143 -11.07 -6.56 -45.38
N LYS B 144 -10.68 -6.48 -46.65
CA LYS B 144 -10.94 -5.30 -47.49
C LYS B 144 -10.36 -4.03 -46.88
N ARG B 145 -9.16 -4.15 -46.35
CA ARG B 145 -8.34 -3.02 -45.93
C ARG B 145 -7.52 -2.53 -47.12
N SER B 146 -7.00 -1.32 -46.98
CA SER B 146 -5.99 -0.85 -47.93
C SER B 146 -4.69 -1.60 -47.66
N PRO B 147 -3.81 -1.71 -48.67
CA PRO B 147 -2.53 -2.39 -48.45
C PRO B 147 -1.71 -1.78 -47.33
N ILE B 148 -1.89 -0.49 -47.05
CA ILE B 148 -1.21 0.12 -45.91
C ILE B 148 -1.95 -0.17 -44.61
N GLU B 149 -3.29 -0.11 -44.63
CA GLU B 149 -4.05 -0.45 -43.43
C GLU B 149 -3.80 -1.89 -43.01
N ASP B 150 -3.85 -2.82 -43.97
CA ASP B 150 -3.51 -4.21 -43.67
C ASP B 150 -2.07 -4.35 -43.17
N LEU B 151 -1.21 -3.40 -43.52
CA LEU B 151 0.16 -3.41 -43.01
C LEU B 151 0.23 -2.83 -41.60
N LEU B 152 -0.57 -1.78 -41.32
CA LEU B 152 -0.63 -1.23 -39.98
C LEU B 152 -1.21 -2.23 -38.99
N PHE B 153 -2.33 -2.87 -39.37
CA PHE B 153 -2.95 -3.86 -38.49
C PHE B 153 -2.14 -5.15 -38.40
N ASN B 154 -1.18 -5.35 -39.30
CA ASN B 154 -0.32 -6.53 -39.23
C ASN B 154 0.93 -6.28 -38.40
N LYS B 155 1.62 -5.16 -38.63
CA LYS B 155 2.93 -4.93 -38.02
C LYS B 155 2.83 -4.34 -36.62
N VAL B 156 1.82 -3.54 -36.34
CA VAL B 156 1.58 -3.08 -34.97
C VAL B 156 0.87 -4.20 -34.23
N THR B 157 1.65 -5.13 -33.67
CA THR B 157 1.11 -6.29 -33.00
C THR B 157 2.09 -6.74 -31.93
N LEU B 158 1.59 -7.58 -31.01
CA LEU B 158 2.39 -8.09 -29.91
C LEU B 158 2.91 -9.48 -30.24
N ALA B 159 4.15 -9.76 -29.81
CA ALA B 159 4.78 -11.06 -29.99
C ALA B 159 4.78 -11.88 -28.71
N ASP B 160 3.78 -11.69 -27.86
CA ASP B 160 3.71 -12.39 -26.60
C ASP B 160 2.24 -12.65 -26.26
N ALA B 161 2.04 -13.41 -25.18
CA ALA B 161 0.69 -13.78 -24.76
C ALA B 161 0.24 -12.93 -23.59
N GLY B 162 0.03 -11.64 -23.87
CA GLY B 162 -0.48 -10.70 -22.89
C GLY B 162 -1.87 -11.02 -22.40
N PHE B 163 -2.37 -10.21 -21.46
CA PHE B 163 -3.67 -10.48 -20.86
C PHE B 163 -4.79 -10.42 -21.90
N ILE B 164 -4.76 -9.40 -22.77
CA ILE B 164 -5.78 -9.29 -23.81
C ILE B 164 -5.76 -10.50 -24.73
N LYS B 165 -4.57 -11.07 -24.98
CA LYS B 165 -4.50 -12.26 -25.82
C LYS B 165 -5.20 -13.44 -25.16
N GLN B 166 -4.93 -13.67 -23.88
CA GLN B 166 -5.57 -14.75 -23.16
C GLN B 166 -7.08 -14.54 -23.06
N TYR B 167 -7.50 -13.29 -22.86
CA TYR B 167 -8.93 -12.98 -22.79
C TYR B 167 -9.61 -13.16 -24.14
N GLY B 168 -8.96 -12.69 -25.21
CA GLY B 168 -9.58 -12.74 -26.53
C GLY B 168 -9.71 -14.15 -27.08
N ASP B 169 -8.69 -14.98 -26.87
CA ASP B 169 -8.75 -16.36 -27.31
C ASP B 169 -9.85 -17.14 -26.61
N CYS B 170 -10.30 -16.66 -25.46
CA CYS B 170 -11.38 -17.24 -24.67
C CYS B 170 -12.76 -16.71 -25.06
N LEU B 171 -12.85 -15.43 -25.40
CA LEU B 171 -14.14 -14.77 -25.57
C LEU B 171 -14.97 -15.31 -26.72
N GLY B 172 -14.51 -15.07 -27.94
CA GLY B 172 -15.32 -15.34 -29.12
C GLY B 172 -16.11 -14.09 -29.45
N ASP B 173 -17.34 -14.01 -28.94
CA ASP B 173 -18.09 -12.76 -28.94
C ASP B 173 -19.33 -12.90 -28.07
N ASP B 178 -19.47 -12.54 -22.68
CA ASP B 178 -19.30 -13.60 -21.68
C ASP B 178 -19.04 -13.04 -20.29
N LEU B 179 -19.69 -13.64 -19.29
CA LEU B 179 -19.36 -13.44 -17.89
C LEU B 179 -18.43 -14.52 -17.34
N ILE B 180 -18.47 -15.72 -17.93
CA ILE B 180 -17.70 -16.84 -17.38
C ILE B 180 -16.20 -16.58 -17.53
N CYS B 181 -15.77 -16.00 -18.65
CA CYS B 181 -14.36 -15.68 -18.81
C CYS B 181 -14.00 -14.31 -18.25
N ALA B 182 -15.00 -13.53 -17.82
CA ALA B 182 -14.74 -12.46 -16.88
C ALA B 182 -14.43 -13.01 -15.49
N GLN B 183 -14.94 -14.21 -15.18
CA GLN B 183 -14.56 -14.90 -13.95
C GLN B 183 -13.16 -15.50 -14.05
N LYS B 184 -12.76 -15.94 -15.24
CA LYS B 184 -11.44 -16.54 -15.39
C LYS B 184 -10.31 -15.58 -15.08
N PHE B 185 -10.58 -14.28 -15.00
CA PHE B 185 -9.56 -13.27 -14.70
C PHE B 185 -10.05 -12.34 -13.59
N ASN B 186 -10.55 -12.95 -12.50
CA ASN B 186 -10.95 -12.26 -11.27
C ASN B 186 -11.73 -10.97 -11.48
N GLY B 187 -12.58 -10.92 -12.51
CA GLY B 187 -13.45 -9.78 -12.72
C GLY B 187 -12.92 -8.71 -13.64
N LEU B 188 -11.63 -8.72 -13.94
CA LEU B 188 -11.07 -7.72 -14.84
C LEU B 188 -11.47 -8.04 -16.28
N THR B 189 -11.90 -7.00 -17.01
CA THR B 189 -12.41 -7.16 -18.36
C THR B 189 -11.86 -6.04 -19.23
N VAL B 190 -11.82 -6.32 -20.54
CA VAL B 190 -11.58 -5.30 -21.56
C VAL B 190 -12.83 -5.23 -22.42
N LEU B 191 -13.32 -4.00 -22.65
CA LEU B 191 -14.63 -3.79 -23.22
C LEU B 191 -14.53 -3.53 -24.72
N PRO B 192 -15.62 -3.80 -25.47
CA PRO B 192 -15.57 -3.60 -26.91
C PRO B 192 -15.53 -2.12 -27.26
N PRO B 193 -14.85 -1.76 -28.35
CA PRO B 193 -14.97 -0.39 -28.86
C PRO B 193 -16.35 -0.17 -29.48
N LEU B 194 -16.85 1.05 -29.34
CA LEU B 194 -18.14 1.40 -29.94
C LEU B 194 -18.12 1.20 -31.45
N LEU B 195 -17.01 1.53 -32.10
CA LEU B 195 -16.87 1.41 -33.55
C LEU B 195 -15.75 0.44 -33.84
N THR B 196 -16.08 -0.67 -34.52
CA THR B 196 -15.14 -1.74 -34.75
C THR B 196 -14.18 -1.37 -35.89
N ASP B 197 -13.26 -2.30 -36.20
CA ASP B 197 -12.29 -2.07 -37.26
C ASP B 197 -12.98 -1.94 -38.61
N GLU B 198 -14.05 -2.71 -38.84
CA GLU B 198 -14.75 -2.62 -40.12
C GLU B 198 -15.54 -1.32 -40.23
N MET B 199 -16.12 -0.86 -39.12
CA MET B 199 -16.82 0.42 -39.13
C MET B 199 -15.84 1.57 -39.33
N ILE B 200 -14.70 1.54 -38.62
CA ILE B 200 -13.65 2.53 -38.85
C ILE B 200 -13.18 2.46 -40.30
N ALA B 201 -13.10 1.26 -40.86
CA ALA B 201 -12.69 1.11 -42.25
C ALA B 201 -13.70 1.76 -43.19
N GLN B 202 -15.00 1.68 -42.85
CA GLN B 202 -16.01 2.31 -43.69
C GLN B 202 -15.93 3.83 -43.59
N TYR B 203 -15.71 4.36 -42.38
CA TYR B 203 -15.53 5.80 -42.24
C TYR B 203 -14.29 6.27 -42.98
N THR B 204 -13.19 5.51 -42.88
CA THR B 204 -11.98 5.88 -43.61
C THR B 204 -12.17 5.76 -45.12
N SER B 205 -12.91 4.75 -45.56
CA SER B 205 -13.19 4.60 -46.99
C SER B 205 -14.01 5.76 -47.52
N ALA B 206 -15.01 6.21 -46.76
CA ALA B 206 -15.81 7.34 -47.18
C ALA B 206 -14.97 8.62 -47.20
N LEU B 207 -14.08 8.78 -46.21
CA LEU B 207 -13.20 9.94 -46.19
C LEU B 207 -12.26 9.94 -47.40
N LEU B 208 -11.65 8.79 -47.69
CA LEU B 208 -10.72 8.69 -48.81
C LEU B 208 -11.42 8.96 -50.14
N ALA B 209 -12.53 8.26 -50.40
CA ALA B 209 -13.24 8.42 -51.66
C ALA B 209 -13.81 9.82 -51.82
N GLY B 210 -14.21 10.47 -50.73
CA GLY B 210 -14.65 11.84 -50.82
C GLY B 210 -13.52 12.84 -50.97
N THR B 211 -12.30 12.43 -50.62
CA THR B 211 -11.12 13.25 -50.88
C THR B 211 -10.56 13.03 -52.27
N ILE B 212 -10.93 11.93 -52.93
CA ILE B 212 -10.48 11.64 -54.29
C ILE B 212 -11.53 12.04 -55.32
N THR B 213 -12.77 11.59 -55.16
CA THR B 213 -13.83 11.95 -56.10
C THR B 213 -14.26 13.39 -55.92
N SER B 214 -14.06 13.96 -54.74
CA SER B 214 -14.28 15.38 -54.51
C SER B 214 -13.09 15.91 -53.72
N GLY B 215 -13.09 17.21 -53.46
CA GLY B 215 -12.19 17.76 -52.47
C GLY B 215 -12.83 18.14 -51.14
N TRP B 216 -14.04 17.65 -50.85
CA TRP B 216 -14.87 18.22 -49.79
C TRP B 216 -14.91 19.73 -49.95
N THR B 217 -14.91 20.48 -48.86
CA THR B 217 -14.94 21.94 -48.94
C THR B 217 -13.51 22.46 -48.87
N PHE B 218 -13.00 22.94 -50.00
CA PHE B 218 -11.68 23.55 -50.04
C PHE B 218 -11.59 24.58 -51.17
N PRO B 222 -19.62 23.83 -53.65
CA PRO B 222 -18.18 23.65 -53.74
C PRO B 222 -17.72 22.28 -53.25
N ALA B 223 -18.52 21.65 -52.37
CA ALA B 223 -18.30 20.25 -51.98
C ALA B 223 -18.95 19.36 -53.05
N LEU B 224 -18.32 19.33 -54.22
CA LEU B 224 -18.93 18.78 -55.43
C LEU B 224 -17.95 17.83 -56.11
N GLN B 225 -18.49 16.99 -57.00
CA GLN B 225 -17.70 15.96 -57.66
C GLN B 225 -16.85 16.58 -58.77
N ILE B 226 -15.56 16.23 -58.78
CA ILE B 226 -14.61 16.78 -59.76
C ILE B 226 -13.57 15.73 -60.11
N PRO B 227 -12.96 15.81 -61.30
CA PRO B 227 -11.82 14.94 -61.59
C PRO B 227 -10.63 15.28 -60.72
N PHE B 228 -9.75 14.29 -60.53
CA PHE B 228 -8.64 14.47 -59.60
C PHE B 228 -7.59 15.44 -60.13
N PRO B 229 -7.10 15.35 -61.37
CA PRO B 229 -6.07 16.32 -61.81
C PRO B 229 -6.53 17.76 -61.73
N MET B 230 -7.80 18.03 -62.06
CA MET B 230 -8.31 19.39 -61.91
C MET B 230 -8.37 19.79 -60.44
N GLN B 231 -8.71 18.84 -59.57
CA GLN B 231 -8.72 19.12 -58.14
C GLN B 231 -7.32 19.47 -57.63
N MET B 232 -6.31 18.71 -58.07
CA MET B 232 -4.93 19.04 -57.74
C MET B 232 -4.54 20.40 -58.31
N ALA B 233 -5.08 20.74 -59.49
CA ALA B 233 -4.82 22.05 -60.06
C ALA B 233 -5.39 23.17 -59.21
N TYR B 234 -6.58 22.95 -58.64
CA TYR B 234 -7.14 23.90 -57.70
C TYR B 234 -6.32 24.01 -56.43
N ARG B 235 -5.66 22.93 -56.01
CA ARG B 235 -4.88 22.98 -54.79
C ARG B 235 -3.59 23.77 -54.99
N PHE B 236 -2.94 23.60 -56.15
CA PHE B 236 -1.84 24.49 -56.50
C PHE B 236 -2.32 25.93 -56.59
N ASN B 237 -3.50 26.14 -57.17
CA ASN B 237 -4.06 27.48 -57.25
C ASN B 237 -4.35 28.03 -55.86
N GLY B 238 -4.57 27.15 -54.88
CA GLY B 238 -4.64 27.58 -53.50
C GLY B 238 -3.30 28.04 -52.96
N ILE B 239 -2.22 27.40 -53.42
CA ILE B 239 -0.88 27.89 -53.06
C ILE B 239 -0.66 29.29 -53.60
N GLY B 240 -1.13 29.55 -54.82
CA GLY B 240 -0.87 30.79 -55.51
C GLY B 240 -0.19 30.52 -56.83
N VAL B 241 -0.21 29.26 -57.26
CA VAL B 241 0.42 28.81 -58.49
C VAL B 241 -0.67 28.25 -59.38
N THR B 242 -0.83 28.84 -60.57
CA THR B 242 -2.00 28.57 -61.40
C THR B 242 -1.98 27.14 -61.94
N GLN B 243 -3.13 26.77 -62.53
CA GLN B 243 -3.44 25.39 -62.89
C GLN B 243 -2.49 24.81 -63.93
N ASN B 244 -2.01 25.64 -64.86
CA ASN B 244 -1.19 25.12 -65.96
C ASN B 244 0.09 24.47 -65.46
N VAL B 245 0.56 24.84 -64.27
CA VAL B 245 1.81 24.28 -63.75
C VAL B 245 1.67 22.78 -63.50
N LEU B 246 0.44 22.30 -63.30
CA LEU B 246 0.21 20.87 -63.22
C LEU B 246 -0.10 20.30 -64.60
N TYR B 247 -1.04 20.92 -65.32
CA TYR B 247 -1.44 20.42 -66.63
C TYR B 247 -0.24 20.26 -67.55
N GLU B 248 0.81 21.04 -67.34
CA GLU B 248 2.04 20.92 -68.10
C GLU B 248 3.10 20.05 -67.40
N ASN B 249 2.90 19.70 -66.14
CA ASN B 249 3.83 18.86 -65.39
C ASN B 249 3.16 17.63 -64.79
N GLN B 250 1.96 17.27 -65.28
CA GLN B 250 1.13 16.30 -64.57
C GLN B 250 1.81 14.93 -64.47
N LYS B 251 2.49 14.50 -65.53
CA LYS B 251 3.15 13.20 -65.47
C LYS B 251 4.33 13.21 -64.50
N LEU B 252 5.05 14.33 -64.42
CA LEU B 252 6.15 14.41 -63.46
C LEU B 252 5.63 14.44 -62.02
N ILE B 253 4.56 15.20 -61.78
CA ILE B 253 3.95 15.24 -60.45
C ILE B 253 3.44 13.86 -60.07
N ALA B 254 2.80 13.16 -61.02
CA ALA B 254 2.29 11.83 -60.73
C ALA B 254 3.42 10.84 -60.47
N ASN B 255 4.53 10.97 -61.19
CA ASN B 255 5.66 10.07 -60.97
C ASN B 255 6.29 10.29 -59.60
N GLN B 256 6.41 11.56 -59.17
CA GLN B 256 6.90 11.84 -57.83
C GLN B 256 5.98 11.27 -56.77
N PHE B 257 4.66 11.40 -56.98
CA PHE B 257 3.69 10.87 -56.03
C PHE B 257 3.78 9.34 -55.97
N ASN B 258 3.83 8.69 -57.13
CA ASN B 258 3.88 7.23 -57.15
C ASN B 258 5.19 6.70 -56.57
N SER B 259 6.29 7.44 -56.75
CA SER B 259 7.56 7.01 -56.16
C SER B 259 7.54 7.19 -54.64
N ALA B 260 6.97 8.30 -54.17
CA ALA B 260 6.95 8.59 -52.75
C ALA B 260 6.05 7.62 -51.98
N ILE B 261 4.96 7.16 -52.58
CA ILE B 261 4.04 6.29 -51.86
C ILE B 261 4.68 4.93 -51.62
N GLY B 262 5.32 4.36 -52.64
CA GLY B 262 6.09 3.13 -52.43
C GLY B 262 7.25 3.35 -51.48
N LYS B 263 7.92 4.51 -51.60
CA LYS B 263 8.96 4.88 -50.65
C LYS B 263 8.43 4.92 -49.23
N ILE B 264 7.18 5.39 -49.06
CA ILE B 264 6.60 5.52 -47.73
C ILE B 264 6.30 4.16 -47.13
N GLN B 265 5.67 3.27 -47.90
CA GLN B 265 5.35 1.94 -47.36
C GLN B 265 6.61 1.14 -47.08
N ASP B 266 7.61 1.25 -47.96
CA ASP B 266 8.89 0.59 -47.71
C ASP B 266 9.50 1.05 -46.39
N SER B 267 9.34 2.34 -46.06
CA SER B 267 9.89 2.86 -44.82
C SER B 267 9.06 2.40 -43.62
N LEU B 268 7.75 2.66 -43.65
CA LEU B 268 6.89 2.42 -42.49
C LEU B 268 6.76 0.93 -42.16
N SER B 269 6.99 0.04 -43.13
CA SER B 269 6.80 -1.38 -42.86
C SER B 269 7.96 -1.95 -42.03
N SER B 270 9.19 -1.62 -42.42
CA SER B 270 10.39 -2.22 -41.82
C SER B 270 11.03 -1.35 -40.74
N THR B 271 10.86 -0.02 -40.79
CA THR B 271 11.57 0.88 -39.88
C THR B 271 10.73 1.13 -38.63
N PRO B 272 11.31 0.95 -37.44
CA PRO B 272 10.52 1.04 -36.21
C PRO B 272 10.17 2.46 -35.81
N SER B 273 10.83 3.48 -36.35
CA SER B 273 10.60 4.85 -35.90
C SER B 273 9.23 5.38 -36.32
N ALA B 274 8.58 4.75 -37.30
CA ALA B 274 7.27 5.22 -37.75
C ALA B 274 6.14 4.59 -36.94
N LEU B 275 6.09 3.26 -36.90
CA LEU B 275 5.05 2.53 -36.19
C LEU B 275 5.31 2.42 -34.70
N GLY B 276 6.46 2.90 -34.23
CA GLY B 276 6.76 2.86 -32.81
C GLY B 276 5.78 3.65 -31.96
N LYS B 277 5.30 4.78 -32.47
CA LYS B 277 4.40 5.62 -31.66
C LYS B 277 3.13 4.87 -31.27
N LEU B 278 2.72 3.87 -32.04
CA LEU B 278 1.58 3.06 -31.65
C LEU B 278 2.00 1.78 -30.93
N GLN B 279 3.15 1.21 -31.34
CA GLN B 279 3.70 0.06 -30.62
C GLN B 279 3.99 0.40 -29.16
N ASP B 280 4.36 1.65 -28.88
CA ASP B 280 4.66 2.05 -27.51
C ASP B 280 3.43 2.00 -26.62
N VAL B 281 2.32 2.58 -27.08
CA VAL B 281 1.11 2.61 -26.25
C VAL B 281 0.52 1.21 -26.13
N VAL B 282 0.68 0.36 -27.14
CA VAL B 282 0.24 -1.02 -27.01
C VAL B 282 1.09 -1.75 -25.98
N ASN B 283 2.40 -1.51 -26.00
CA ASN B 283 3.29 -2.09 -25.00
C ASN B 283 2.98 -1.56 -23.60
N GLN B 284 2.61 -0.28 -23.52
CA GLN B 284 2.29 0.30 -22.21
C GLN B 284 1.02 -0.31 -21.63
N ASN B 285 0.04 -0.64 -22.48
CA ASN B 285 -1.18 -1.26 -21.99
C ASN B 285 -0.92 -2.71 -21.59
N ALA B 286 -0.11 -3.43 -22.39
CA ALA B 286 0.27 -4.79 -22.02
C ALA B 286 1.06 -4.78 -20.71
N GLU B 287 1.98 -3.84 -20.56
CA GLU B 287 2.76 -3.75 -19.32
C GLU B 287 1.88 -3.40 -18.13
N ALA B 288 0.92 -2.49 -18.32
CA ALA B 288 0.10 -2.05 -17.20
C ALA B 288 -0.81 -3.18 -16.70
N LEU B 289 -1.34 -3.99 -17.60
CA LEU B 289 -2.19 -5.10 -17.18
C LEU B 289 -1.39 -6.32 -16.73
N ASN B 290 -0.22 -6.55 -17.32
CA ASN B 290 0.64 -7.64 -16.86
C ASN B 290 1.15 -7.37 -15.45
N THR B 291 1.47 -6.12 -15.15
CA THR B 291 1.91 -5.77 -13.80
C THR B 291 0.78 -5.99 -12.79
N LEU B 292 -0.46 -5.72 -13.20
CA LEU B 292 -1.60 -5.92 -12.31
C LEU B 292 -1.81 -7.39 -11.99
N VAL B 293 -1.75 -8.25 -13.01
CA VAL B 293 -1.97 -9.68 -12.77
C VAL B 293 -0.77 -10.28 -12.04
N LYS B 294 0.42 -9.69 -12.19
CA LYS B 294 1.59 -10.18 -11.47
C LYS B 294 1.59 -9.75 -10.00
N GLN B 295 0.89 -8.67 -9.67
CA GLN B 295 0.83 -8.17 -8.30
C GLN B 295 -0.27 -8.82 -7.47
N LEU B 296 -1.32 -9.33 -8.10
CA LEU B 296 -2.53 -9.70 -7.37
C LEU B 296 -2.33 -10.88 -6.42
N SER B 297 -1.23 -11.61 -6.51
CA SER B 297 -0.98 -12.70 -5.58
C SER B 297 -0.14 -12.27 -4.39
N SER B 298 0.40 -11.06 -4.40
CA SER B 298 1.19 -10.56 -3.28
C SER B 298 0.28 -10.15 -2.12
N ASP B 309 -7.61 -15.69 -1.57
CA ASP B 309 -7.75 -17.12 -1.30
C ASP B 309 -8.68 -17.35 -0.11
N ILE B 310 -9.28 -18.54 -0.07
CA ILE B 310 -10.21 -18.89 1.00
C ILE B 310 -9.42 -19.00 2.30
N LEU B 311 -9.66 -18.06 3.23
CA LEU B 311 -9.02 -18.11 4.54
C LEU B 311 -9.82 -19.01 5.49
N SER B 312 -9.99 -20.26 5.06
CA SER B 312 -10.83 -21.23 5.76
C SER B 312 -10.21 -21.70 7.07
N ARG B 313 -9.04 -21.21 7.46
CA ARG B 313 -8.53 -21.46 8.80
C ARG B 313 -9.34 -20.65 9.81
N LEU B 314 -9.86 -21.34 10.83
CA LEU B 314 -10.68 -20.68 11.84
C LEU B 314 -9.76 -19.92 12.78
N ASP B 315 -9.58 -18.63 12.51
CA ASP B 315 -8.67 -17.78 13.28
C ASP B 315 -9.28 -16.39 13.38
N PRO B 316 -10.43 -16.27 14.01
CA PRO B 316 -11.33 -15.11 13.78
C PRO B 316 -10.68 -13.76 14.03
N PRO B 317 -10.08 -13.52 15.21
CA PRO B 317 -9.68 -12.12 15.50
C PRO B 317 -8.63 -11.58 14.55
N GLU B 318 -7.65 -12.41 14.17
CA GLU B 318 -6.67 -12.02 13.16
C GLU B 318 -7.16 -12.29 11.75
N ALA B 319 -8.22 -13.08 11.57
CA ALA B 319 -8.81 -13.23 10.26
C ALA B 319 -9.49 -11.94 9.81
N GLU B 320 -10.13 -11.23 10.74
CA GLU B 320 -10.70 -9.92 10.43
C GLU B 320 -9.62 -8.90 10.05
N VAL B 321 -8.37 -9.13 10.45
CA VAL B 321 -7.28 -8.26 10.03
C VAL B 321 -6.74 -8.71 8.68
N GLN B 322 -6.55 -10.02 8.50
CA GLN B 322 -6.05 -10.55 7.24
C GLN B 322 -7.01 -10.25 6.09
N ILE B 323 -8.32 -10.33 6.36
CA ILE B 323 -9.31 -10.04 5.32
C ILE B 323 -9.17 -8.61 4.83
N ASP B 324 -9.12 -7.66 5.76
CA ASP B 324 -9.04 -6.25 5.38
C ASP B 324 -7.72 -5.93 4.70
N ARG B 325 -6.60 -6.48 5.20
CA ARG B 325 -5.31 -6.14 4.62
C ARG B 325 -5.16 -6.71 3.21
N LEU B 326 -5.62 -7.94 3.00
CA LEU B 326 -5.54 -8.53 1.66
C LEU B 326 -6.44 -7.78 0.68
N ILE B 327 -7.67 -7.45 1.12
CA ILE B 327 -8.60 -6.77 0.23
C ILE B 327 -8.09 -5.37 -0.09
N THR B 328 -7.71 -4.60 0.92
CA THR B 328 -7.21 -3.25 0.68
C THR B 328 -5.92 -3.26 -0.13
N GLY B 329 -5.09 -4.30 0.01
CA GLY B 329 -3.90 -4.40 -0.82
C GLY B 329 -4.23 -4.58 -2.28
N ARG B 330 -5.22 -5.43 -2.58
CA ARG B 330 -5.64 -5.63 -3.96
C ARG B 330 -6.39 -4.41 -4.49
N LEU B 331 -7.14 -3.72 -3.63
CA LEU B 331 -7.85 -2.52 -4.07
C LEU B 331 -6.88 -1.41 -4.42
N GLN B 332 -5.86 -1.20 -3.59
CA GLN B 332 -4.87 -0.16 -3.88
C GLN B 332 -3.97 -0.55 -5.05
N SER B 333 -3.77 -1.86 -5.26
CA SER B 333 -3.03 -2.30 -6.44
C SER B 333 -3.78 -1.93 -7.72
N LEU B 334 -5.12 -2.01 -7.68
CA LEU B 334 -5.92 -1.53 -8.81
C LEU B 334 -5.98 -0.01 -8.87
N GLN B 335 -5.99 0.66 -7.73
CA GLN B 335 -6.05 2.13 -7.72
C GLN B 335 -4.80 2.73 -8.34
N THR B 336 -3.63 2.12 -8.10
CA THR B 336 -2.41 2.57 -8.77
C THR B 336 -2.56 2.46 -10.29
N TYR B 337 -3.14 1.36 -10.75
CA TYR B 337 -3.34 1.17 -12.18
C TYR B 337 -4.34 2.18 -12.74
N VAL B 338 -5.39 2.48 -11.98
CA VAL B 338 -6.40 3.42 -12.45
C VAL B 338 -5.82 4.83 -12.52
N THR B 339 -5.02 5.21 -11.52
CA THR B 339 -4.42 6.54 -11.52
C THR B 339 -3.41 6.70 -12.65
N GLN B 340 -2.72 5.63 -13.02
CA GLN B 340 -1.80 5.71 -14.16
C GLN B 340 -2.55 5.69 -15.48
N GLN B 341 -3.65 4.93 -15.53
CA GLN B 341 -4.49 4.94 -16.73
C GLN B 341 -5.10 6.32 -16.95
N LEU B 342 -5.46 7.01 -15.87
CA LEU B 342 -6.01 8.36 -15.99
C LEU B 342 -5.01 9.35 -16.56
N ILE B 343 -3.71 9.07 -16.42
CA ILE B 343 -2.69 9.96 -16.97
C ILE B 343 -2.48 9.69 -18.46
N ARG B 344 -2.31 8.41 -18.83
CA ARG B 344 -2.19 8.07 -20.24
C ARG B 344 -3.47 8.40 -20.99
N ALA B 345 -4.62 8.37 -20.32
CA ALA B 345 -5.86 8.75 -20.99
C ALA B 345 -5.86 10.23 -21.35
N ALA B 346 -5.23 11.06 -20.52
CA ALA B 346 -5.12 12.48 -20.83
C ALA B 346 -4.19 12.70 -22.02
N GLU B 347 -3.08 11.97 -22.07
CA GLU B 347 -2.18 12.10 -23.22
C GLU B 347 -2.83 11.58 -24.49
N ILE B 348 -3.54 10.45 -24.42
CA ILE B 348 -4.25 9.94 -25.58
C ILE B 348 -5.36 10.90 -26.01
N ARG B 349 -6.02 11.54 -25.04
CA ARG B 349 -7.04 12.54 -25.37
C ARG B 349 -6.43 13.72 -26.12
N ALA B 350 -5.23 14.14 -25.73
CA ALA B 350 -4.59 15.25 -26.42
C ALA B 350 -4.22 14.87 -27.85
N SER B 351 -3.67 13.66 -28.03
CA SER B 351 -3.31 13.21 -29.37
C SER B 351 -4.56 12.94 -30.22
N ALA B 352 -5.65 12.49 -29.57
CA ALA B 352 -6.89 12.25 -30.31
C ALA B 352 -7.52 13.56 -30.78
N ASN B 353 -7.47 14.60 -29.94
CA ASN B 353 -7.97 15.90 -30.38
C ASN B 353 -7.10 16.51 -31.46
N LEU B 354 -5.79 16.27 -31.41
CA LEU B 354 -4.92 16.73 -32.48
C LEU B 354 -5.23 16.01 -33.78
N ALA B 355 -5.47 14.70 -33.72
CA ALA B 355 -5.84 13.96 -34.92
C ALA B 355 -7.21 14.37 -35.43
N ALA B 356 -8.13 14.70 -34.51
CA ALA B 356 -9.47 15.09 -34.92
C ALA B 356 -9.47 16.44 -35.63
N THR B 357 -8.68 17.39 -35.13
CA THR B 357 -8.61 18.69 -35.78
C THR B 357 -7.78 18.64 -37.06
N LYS B 358 -6.79 17.75 -37.14
CA LYS B 358 -6.06 17.58 -38.39
C LYS B 358 -6.87 16.83 -39.43
N MET B 359 -7.89 16.07 -39.01
CA MET B 359 -8.79 15.47 -39.98
C MET B 359 -9.59 16.55 -40.72
N SER B 360 -10.14 17.50 -39.97
CA SER B 360 -10.94 18.56 -40.60
C SER B 360 -10.06 19.53 -41.38
N GLU B 361 -8.86 19.81 -40.89
CA GLU B 361 -8.03 20.86 -41.48
C GLU B 361 -7.07 20.36 -42.55
N CYS B 362 -6.65 19.09 -42.48
CA CYS B 362 -5.75 18.54 -43.49
C CYS B 362 -6.48 17.69 -44.53
N VAL B 363 -7.42 16.86 -44.10
CA VAL B 363 -8.10 15.94 -45.00
C VAL B 363 -9.35 16.57 -45.61
N LEU B 364 -10.24 17.09 -44.77
CA LEU B 364 -11.49 17.66 -45.24
C LEU B 364 -11.34 19.07 -45.83
N GLY B 365 -10.11 19.45 -46.21
CA GLY B 365 -9.86 20.77 -46.77
C GLY B 365 -8.39 20.97 -47.13
N GLN B 366 -7.95 22.22 -47.14
CA GLN B 366 -6.55 22.54 -47.40
C GLN B 366 -6.06 23.50 -46.33
N SER B 367 -4.88 23.22 -45.78
CA SER B 367 -4.36 23.99 -44.65
C SER B 367 -3.80 25.32 -45.14
N LYS B 368 -4.13 26.40 -44.43
CA LYS B 368 -3.57 27.71 -44.72
C LYS B 368 -2.22 27.93 -44.05
N ARG B 369 -1.94 27.22 -42.97
CA ARG B 369 -0.69 27.37 -42.22
C ARG B 369 0.31 26.31 -42.63
N VAL B 370 1.60 26.65 -42.51
CA VAL B 370 2.70 25.85 -43.02
C VAL B 370 3.25 24.96 -41.91
N ASP B 371 3.85 23.85 -42.30
CA ASP B 371 4.44 22.85 -41.42
C ASP B 371 3.42 22.23 -40.46
N PHE B 372 2.14 22.42 -40.72
CA PHE B 372 1.08 21.81 -39.90
C PHE B 372 0.76 20.43 -40.45
N CYS B 373 0.24 20.38 -41.68
CA CYS B 373 -0.03 19.11 -42.35
C CYS B 373 1.17 18.74 -43.23
N GLY B 374 2.30 18.51 -42.57
CA GLY B 374 3.52 18.13 -43.24
C GLY B 374 4.38 19.34 -43.60
N LYS B 375 5.66 19.05 -43.85
CA LYS B 375 6.62 20.11 -44.16
C LYS B 375 6.37 20.66 -45.55
N GLY B 376 6.48 21.97 -45.68
CA GLY B 376 6.18 22.65 -46.92
C GLY B 376 4.74 23.12 -46.98
N TYR B 377 4.34 23.55 -48.17
CA TYR B 377 3.00 24.06 -48.37
C TYR B 377 2.03 22.91 -48.63
N HIS B 378 0.94 22.88 -47.87
CA HIS B 378 0.04 21.73 -47.87
C HIS B 378 -0.76 21.66 -49.17
N LEU B 379 -0.81 20.46 -49.75
CA LEU B 379 -1.69 20.17 -50.88
C LEU B 379 -2.94 19.44 -50.44
N MET B 380 -2.79 18.23 -49.89
CA MET B 380 -3.92 17.50 -49.34
C MET B 380 -3.39 16.41 -48.41
N SER B 381 -4.30 15.59 -47.90
CA SER B 381 -3.94 14.54 -46.96
C SER B 381 -4.90 13.37 -47.11
N PHE B 382 -4.43 12.17 -46.80
CA PHE B 382 -5.22 10.96 -46.92
C PHE B 382 -5.19 10.19 -45.60
N PRO B 383 -6.35 9.81 -45.06
CA PRO B 383 -6.37 9.03 -43.82
C PRO B 383 -6.25 7.53 -44.05
N GLN B 384 -5.59 6.87 -43.09
CA GLN B 384 -5.48 5.42 -43.06
C GLN B 384 -5.72 4.96 -41.64
N SER B 385 -6.40 3.82 -41.50
CA SER B 385 -6.70 3.29 -40.18
C SER B 385 -5.51 2.51 -39.63
N ALA B 386 -5.49 2.36 -38.31
CA ALA B 386 -4.44 1.62 -37.62
C ALA B 386 -4.98 1.18 -36.27
N PRO B 387 -4.44 0.11 -35.68
CA PRO B 387 -4.90 -0.30 -34.34
C PRO B 387 -4.69 0.80 -33.31
N HIS B 388 -5.78 1.36 -32.83
CA HIS B 388 -5.81 2.47 -31.86
C HIS B 388 -5.18 3.74 -32.42
N GLY B 389 -5.13 3.91 -33.73
CA GLY B 389 -4.50 5.10 -34.29
C GLY B 389 -4.93 5.38 -35.71
N VAL B 390 -4.46 6.52 -36.21
CA VAL B 390 -4.74 6.96 -37.56
C VAL B 390 -3.44 7.48 -38.17
N VAL B 391 -3.27 7.27 -39.48
CA VAL B 391 -2.12 7.76 -40.22
C VAL B 391 -2.60 8.75 -41.27
N PHE B 392 -2.00 9.94 -41.27
CA PHE B 392 -2.27 10.96 -42.27
C PHE B 392 -1.13 10.98 -43.28
N LEU B 393 -1.47 10.75 -44.55
CA LEU B 393 -0.52 10.82 -45.66
C LEU B 393 -0.61 12.21 -46.26
N HIS B 394 0.21 13.13 -45.72
CA HIS B 394 0.23 14.52 -46.15
C HIS B 394 1.04 14.66 -47.42
N VAL B 395 0.42 15.19 -48.46
CA VAL B 395 1.09 15.53 -49.72
C VAL B 395 1.30 17.03 -49.73
N THR B 396 2.54 17.47 -49.89
CA THR B 396 2.89 18.88 -49.81
C THR B 396 3.74 19.29 -51.01
N TYR B 397 3.74 20.59 -51.26
CA TYR B 397 4.51 21.24 -52.32
C TYR B 397 5.66 22.01 -51.68
N VAL B 398 6.86 21.88 -52.23
CA VAL B 398 7.99 22.66 -51.74
C VAL B 398 8.82 23.13 -52.93
N PRO B 399 9.16 24.41 -53.00
CA PRO B 399 9.90 24.92 -54.15
C PRO B 399 11.35 24.48 -54.15
N ALA B 400 11.94 24.51 -55.35
CA ALA B 400 13.33 24.12 -55.53
C ALA B 400 13.94 24.94 -56.67
N GLN B 401 15.28 24.96 -56.70
CA GLN B 401 16.05 25.67 -57.72
C GLN B 401 15.65 27.15 -57.78
N GLU B 402 15.73 27.81 -56.63
CA GLU B 402 15.40 29.23 -56.55
C GLU B 402 16.46 30.06 -57.26
N LYS B 403 16.02 31.15 -57.89
CA LYS B 403 16.92 31.98 -58.68
C LYS B 403 16.51 33.43 -58.53
N ASN B 404 17.50 34.32 -58.57
CA ASN B 404 17.32 35.74 -58.36
C ASN B 404 17.21 36.47 -59.69
N PHE B 405 16.22 37.35 -59.81
CA PHE B 405 15.98 38.12 -61.02
C PHE B 405 15.79 39.59 -60.66
N THR B 406 16.29 40.47 -61.51
CA THR B 406 16.10 41.91 -61.31
C THR B 406 14.65 42.29 -61.54
N THR B 407 14.13 43.17 -60.68
CA THR B 407 12.71 43.49 -60.68
C THR B 407 12.50 44.99 -60.56
N ALA B 408 11.28 45.42 -60.86
CA ALA B 408 10.91 46.84 -60.81
C ALA B 408 9.44 46.94 -60.45
N PRO B 409 9.04 48.03 -59.77
CA PRO B 409 7.62 48.14 -59.39
C PRO B 409 6.69 48.40 -60.56
N ALA B 410 7.05 49.33 -61.46
CA ALA B 410 6.13 49.74 -62.51
C ALA B 410 6.88 49.92 -63.83
N ILE B 411 6.10 49.96 -64.91
CA ILE B 411 6.63 50.10 -66.27
C ILE B 411 6.08 51.39 -66.86
N CYS B 412 6.97 52.17 -67.48
CA CYS B 412 6.59 53.44 -68.09
C CYS B 412 6.43 53.26 -69.60
N HIS B 413 5.29 53.69 -70.13
CA HIS B 413 5.04 53.62 -71.56
C HIS B 413 4.10 54.74 -71.95
N ASP B 414 4.51 55.54 -72.94
CA ASP B 414 3.74 56.69 -73.40
C ASP B 414 3.40 57.65 -72.25
N GLY B 415 4.26 57.73 -71.25
CA GLY B 415 4.02 58.61 -70.12
C GLY B 415 3.07 58.06 -69.09
N LYS B 416 2.62 56.81 -69.25
CA LYS B 416 1.70 56.18 -68.33
C LYS B 416 2.40 55.06 -67.57
N ALA B 417 2.01 54.90 -66.31
CA ALA B 417 2.57 53.88 -65.43
C ALA B 417 1.73 52.62 -65.47
N HIS B 418 2.38 51.48 -65.65
CA HIS B 418 1.73 50.18 -65.74
C HIS B 418 2.09 49.33 -64.54
N PHE B 419 1.10 48.61 -64.01
CA PHE B 419 1.26 47.69 -62.90
C PHE B 419 0.76 46.31 -63.30
N PRO B 420 1.33 45.25 -62.72
CA PRO B 420 0.89 43.90 -63.10
C PRO B 420 -0.44 43.54 -62.47
N ARG B 421 -1.31 42.93 -63.27
CA ARG B 421 -2.60 42.49 -62.75
C ARG B 421 -2.44 41.34 -61.76
N GLU B 422 -1.46 40.45 -62.00
CA GLU B 422 -1.24 39.31 -61.11
C GLU B 422 0.20 38.83 -61.34
N GLY B 423 1.11 39.29 -60.50
CA GLY B 423 2.51 38.94 -60.67
C GLY B 423 3.50 40.06 -60.43
N VAL B 424 4.71 39.92 -60.98
CA VAL B 424 5.77 40.89 -60.82
C VAL B 424 6.48 41.11 -62.15
N PHE B 425 7.08 42.29 -62.28
CA PHE B 425 7.96 42.58 -63.41
C PHE B 425 9.37 42.07 -63.10
N VAL B 426 9.94 41.36 -64.07
CA VAL B 426 11.31 40.88 -63.95
C VAL B 426 11.99 41.04 -65.31
N SER B 427 13.31 41.11 -65.29
CA SER B 427 14.09 41.34 -66.50
C SER B 427 15.25 40.35 -66.58
N ASN B 428 15.47 39.81 -67.77
CA ASN B 428 16.66 39.06 -68.11
C ASN B 428 17.49 39.92 -69.06
N GLY B 429 18.35 40.75 -68.49
CA GLY B 429 19.25 41.57 -69.28
C GLY B 429 18.72 42.95 -69.63
N THR B 430 18.06 43.06 -70.79
CA THR B 430 17.71 44.36 -71.35
C THR B 430 16.23 44.63 -71.47
N HIS B 431 15.38 43.61 -71.46
CA HIS B 431 13.94 43.81 -71.64
C HIS B 431 13.19 43.19 -70.47
N TRP B 432 11.95 43.62 -70.31
CA TRP B 432 11.15 43.31 -69.13
C TRP B 432 10.00 42.36 -69.48
N PHE B 433 9.64 41.53 -68.50
CA PHE B 433 8.57 40.55 -68.63
C PHE B 433 7.79 40.51 -67.33
N VAL B 434 6.62 39.87 -67.36
CA VAL B 434 5.77 39.72 -66.19
C VAL B 434 5.65 38.23 -65.85
N THR B 435 5.62 37.92 -64.56
CA THR B 435 5.78 36.54 -64.11
C THR B 435 4.98 36.32 -62.83
N GLN B 436 4.55 35.07 -62.62
CA GLN B 436 4.07 34.67 -61.31
C GLN B 436 5.19 34.84 -60.28
N ARG B 437 4.82 35.32 -59.09
CA ARG B 437 5.82 35.46 -58.03
C ARG B 437 6.23 34.10 -57.48
N ASN B 438 5.35 33.10 -57.53
CA ASN B 438 5.56 31.83 -56.88
C ASN B 438 6.12 30.75 -57.80
N PHE B 439 6.26 31.04 -59.10
CA PHE B 439 6.90 30.12 -60.01
C PHE B 439 7.33 30.90 -61.25
N TYR B 440 8.58 30.72 -61.68
CA TYR B 440 9.14 31.51 -62.77
C TYR B 440 8.59 31.01 -64.10
N GLU B 441 7.57 31.67 -64.61
CA GLU B 441 7.05 31.42 -65.96
C GLU B 441 6.71 32.77 -66.56
N PRO B 442 7.69 33.46 -67.12
CA PRO B 442 7.49 34.85 -67.53
C PRO B 442 6.75 34.99 -68.84
N GLN B 443 6.18 36.18 -69.04
CA GLN B 443 5.39 36.50 -70.22
C GLN B 443 5.71 37.91 -70.68
N ILE B 444 5.44 38.17 -71.96
CA ILE B 444 5.62 39.51 -72.52
C ILE B 444 4.59 40.47 -71.90
N ILE B 445 4.96 41.75 -71.87
CA ILE B 445 4.09 42.79 -71.33
C ILE B 445 3.02 43.12 -72.36
N THR B 446 1.75 43.04 -71.95
CA THR B 446 0.61 43.36 -72.80
C THR B 446 -0.36 44.25 -72.03
N THR B 447 -1.43 44.65 -72.70
CA THR B 447 -2.51 45.40 -72.05
C THR B 447 -3.46 44.53 -71.26
N ASP B 448 -3.36 43.20 -71.38
CA ASP B 448 -4.23 42.31 -70.65
C ASP B 448 -3.51 41.52 -69.55
N ASN B 449 -2.22 41.77 -69.34
CA ASN B 449 -1.56 41.33 -68.12
C ASN B 449 -1.08 42.50 -67.27
N THR B 450 -1.33 43.74 -67.71
CA THR B 450 -1.07 44.94 -66.94
C THR B 450 -2.34 45.77 -66.85
N PHE B 451 -2.35 46.67 -65.87
CA PHE B 451 -3.39 47.69 -65.77
C PHE B 451 -2.72 49.04 -65.54
N VAL B 452 -3.36 50.10 -66.02
CA VAL B 452 -2.77 51.44 -66.05
C VAL B 452 -3.46 52.33 -65.04
N SER B 453 -2.66 53.14 -64.34
CA SER B 453 -3.18 54.15 -63.42
C SER B 453 -2.03 55.09 -63.05
N GLY B 454 -2.16 56.35 -63.43
CA GLY B 454 -1.20 57.36 -63.02
C GLY B 454 -0.22 57.72 -64.12
N ASN B 455 0.81 58.46 -63.71
CA ASN B 455 1.85 58.97 -64.58
C ASN B 455 3.20 58.37 -64.18
N CYS B 456 4.18 58.51 -65.06
CA CYS B 456 5.52 58.00 -64.81
C CYS B 456 6.32 58.84 -63.82
N ASP B 457 5.74 59.91 -63.27
CA ASP B 457 6.45 60.79 -62.36
C ASP B 457 6.26 60.42 -60.90
N VAL B 458 5.08 59.92 -60.53
CA VAL B 458 4.73 59.71 -59.13
C VAL B 458 5.32 58.43 -58.55
N VAL B 459 5.87 57.55 -59.38
CA VAL B 459 6.26 56.20 -58.95
C VAL B 459 7.77 56.16 -58.71
N ILE B 460 8.17 55.50 -57.63
CA ILE B 460 9.56 55.26 -57.31
C ILE B 460 9.98 53.93 -57.89
N GLY B 461 11.16 53.89 -58.52
CA GLY B 461 11.66 52.67 -59.11
C GLY B 461 11.09 52.33 -60.46
N ILE B 462 10.35 53.27 -61.08
CA ILE B 462 9.75 53.01 -62.37
C ILE B 462 10.84 52.92 -63.44
N VAL B 463 10.58 52.11 -64.47
CA VAL B 463 11.52 51.92 -65.57
C VAL B 463 10.72 51.88 -66.87
N ASN B 464 11.36 52.26 -67.96
CA ASN B 464 10.71 52.37 -69.26
C ASN B 464 10.77 51.05 -70.00
N ASN B 465 9.63 50.62 -70.54
CA ASN B 465 9.57 49.45 -71.40
C ASN B 465 8.29 49.50 -72.23
N THR B 466 8.35 48.90 -73.41
CA THR B 466 7.24 48.90 -74.36
C THR B 466 6.14 47.93 -73.93
N VAL B 467 4.94 48.15 -74.48
CA VAL B 467 3.76 47.35 -74.17
C VAL B 467 3.08 46.99 -75.48
N TYR B 468 2.53 45.78 -75.52
CA TYR B 468 1.87 45.23 -76.71
C TYR B 468 0.36 45.31 -76.56
N ASP B 469 -0.33 45.49 -77.70
CA ASP B 469 -1.78 45.50 -77.72
C ASP B 469 -2.30 44.26 -78.44
N PRO B 470 -2.67 43.19 -77.71
CA PRO B 470 -3.18 41.95 -78.32
C PRO B 470 -4.60 42.08 -78.84
C1 NAG C . -1.12 1.46 -60.12
C2 NAG C . -1.52 1.45 -61.60
C3 NAG C . -2.24 0.15 -61.93
C4 NAG C . -1.40 -1.05 -61.51
C5 NAG C . -0.98 -0.92 -60.04
C6 NAG C . -0.04 -2.01 -59.59
C7 NAG C . -1.86 3.80 -62.23
C8 NAG C . -2.86 4.87 -62.54
N2 NAG C . -2.36 2.60 -61.92
O3 NAG C . -2.50 0.10 -63.33
O4 NAG C . -2.15 -2.24 -61.67
O5 NAG C . -0.29 0.33 -59.84
O6 NAG C . -0.17 -2.25 -58.19
O7 NAG C . -0.65 4.02 -62.26
#